data_3BR6
#
_entry.id   3BR6
#
_cell.length_a   173.099
_cell.length_b   173.099
_cell.length_c   95.576
_cell.angle_alpha   90.00
_cell.angle_beta   90.00
_cell.angle_gamma   90.00
#
_symmetry.space_group_name_H-M   'P 42 21 2'
#
loop_
_entity.id
_entity.type
_entity.pdbx_description
1 polymer 'HTH-type transcriptional regulator qacR'
2 non-polymer 'SULFATE ION'
3 non-polymer 'RHODAMINE 6G'
4 water water
#
_entity_poly.entity_id   1
_entity_poly.type   'polypeptide(L)'
_entity_poly.pdbx_seq_one_letter_code
;MNLKDKILGVAKELFIKNGYNATTTGEIVKLSESSKGNLYYHFKTKENLFLEILNIEESKWQEQWKSEQIKAKTNREKFY
LYNELSLTTEYYYPLQNAIIEFYTEYYKTNSINEKMNKLQNKYIDAYHVIFKEGNLNGEWSINDVNAVSKIAANAVNGIV
TFTHEQNINERIKLMNKFSQIFLNGLSKHHHHHH
;
_entity_poly.pdbx_strand_id   B,D,A,E
#
loop_
_chem_comp.id
_chem_comp.type
_chem_comp.name
_chem_comp.formula
RHQ non-polymer 'RHODAMINE 6G' 'C28 H31 N2 O3 1'
SO4 non-polymer 'SULFATE ION' 'O4 S -2'
#
# COMPACT_ATOMS: atom_id res chain seq x y z
N LEU A 3 -47.32 11.59 25.48
CA LEU A 3 -47.46 10.51 24.45
C LEU A 3 -46.12 10.21 23.77
N LYS A 4 -45.38 11.26 23.41
CA LYS A 4 -44.19 11.13 22.56
C LYS A 4 -42.91 10.69 23.30
N ASP A 5 -43.04 10.16 24.52
CA ASP A 5 -41.89 9.63 25.26
C ASP A 5 -41.40 8.28 24.71
N LYS A 6 -42.26 7.57 23.98
CA LYS A 6 -41.93 6.27 23.40
C LYS A 6 -40.73 6.34 22.45
N ILE A 7 -40.67 7.40 21.64
CA ILE A 7 -39.64 7.58 20.62
C ILE A 7 -38.20 7.40 21.15
N LEU A 8 -37.96 7.86 22.39
CA LEU A 8 -36.63 7.83 23.00
C LEU A 8 -36.01 6.43 23.08
N GLY A 9 -36.83 5.43 23.40
CA GLY A 9 -36.36 4.04 23.50
C GLY A 9 -35.72 3.52 22.22
N VAL A 10 -36.39 3.73 21.10
CA VAL A 10 -35.84 3.38 19.78
C VAL A 10 -34.57 4.17 19.52
N ALA A 11 -34.56 5.44 19.91
CA ALA A 11 -33.39 6.32 19.77
C ALA A 11 -32.19 5.82 20.56
N LYS A 12 -32.30 5.80 21.89
CA LYS A 12 -31.24 5.27 22.76
C LYS A 12 -30.71 3.92 22.23
N GLU A 13 -31.65 3.03 21.89
CA GLU A 13 -31.31 1.74 21.28
C GLU A 13 -30.47 1.94 20.03
N LEU A 14 -31.03 2.65 19.06
CA LEU A 14 -30.38 2.84 17.74
C LEU A 14 -29.01 3.54 17.83
N PHE A 15 -28.94 4.63 18.58
CA PHE A 15 -27.68 5.36 18.79
C PHE A 15 -26.57 4.44 19.32
N ILE A 16 -26.89 3.63 20.32
CA ILE A 16 -25.95 2.66 20.87
C ILE A 16 -26.06 1.34 20.12
N ASN A 18 -25.30 1.60 16.63
CA ASN A 18 -25.21 1.97 15.22
C ASN A 18 -24.56 3.35 15.02
N GLY A 19 -24.73 4.24 15.99
CA GLY A 19 -24.05 5.54 15.98
C GLY A 19 -24.92 6.72 15.64
N TYR A 20 -24.33 7.91 15.75
CA TYR A 20 -25.03 9.18 15.50
C TYR A 20 -25.34 9.39 14.02
N ASN A 21 -24.33 9.17 13.18
CA ASN A 21 -24.50 9.29 11.74
C ASN A 21 -25.48 8.26 11.19
N ALA A 22 -25.21 6.98 11.50
CA ALA A 22 -25.97 5.86 10.93
C ALA A 22 -27.46 5.90 11.25
N THR A 23 -27.81 6.25 12.48
CA THR A 23 -29.22 6.46 12.84
C THR A 23 -29.64 7.83 12.31
N THR A 24 -30.91 7.95 11.95
CA THR A 24 -31.40 9.12 11.22
C THR A 24 -32.89 9.32 11.44
N THR A 25 -33.37 10.54 11.19
CA THR A 25 -34.76 10.91 11.47
C THR A 25 -35.80 9.96 10.86
N GLY A 26 -35.47 9.40 9.69
CA GLY A 26 -36.32 8.40 9.06
C GLY A 26 -36.43 7.15 9.92
N GLU A 27 -35.30 6.49 10.13
CA GLU A 27 -35.25 5.30 10.97
C GLU A 27 -35.96 5.51 12.31
N ILE A 28 -35.72 6.66 12.93
CA ILE A 28 -36.26 6.97 14.25
C ILE A 28 -37.79 7.00 14.28
N VAL A 29 -38.41 7.38 13.16
CA VAL A 29 -39.87 7.51 13.08
C VAL A 29 -40.52 6.26 12.49
N LYS A 30 -40.05 5.84 11.31
CA LYS A 30 -40.62 4.69 10.62
C LYS A 30 -40.46 3.41 11.46
N LEU A 31 -39.27 3.21 12.01
CA LEU A 31 -39.01 2.12 12.96
C LEU A 31 -39.45 2.53 14.37
N SER A 32 -40.75 2.77 14.53
CA SER A 32 -41.32 3.38 15.74
C SER A 32 -42.79 3.80 15.57
N GLU A 33 -43.18 4.19 14.35
CA GLU A 33 -44.54 4.66 14.02
C GLU A 33 -44.91 5.95 14.77
N SER A 34 -44.49 7.08 14.23
CA SER A 34 -44.86 8.39 14.74
C SER A 34 -44.63 9.46 13.67
N SER A 35 -45.56 10.42 13.59
CA SER A 35 -45.54 11.42 12.52
C SER A 35 -44.23 12.22 12.50
N LYS A 36 -43.87 12.71 11.31
CA LYS A 36 -42.67 13.52 11.12
C LYS A 36 -42.70 14.78 11.98
N GLY A 37 -43.85 15.45 11.98
CA GLY A 37 -44.04 16.65 12.79
C GLY A 37 -44.03 16.39 14.29
N ASN A 38 -44.72 15.34 14.72
CA ASN A 38 -44.84 14.98 16.14
C ASN A 38 -43.52 15.05 16.91
N LEU A 39 -42.42 14.67 16.24
CA LEU A 39 -41.08 14.78 16.80
C LEU A 39 -40.59 16.22 16.75
N TYR A 40 -41.17 17.08 17.59
CA TYR A 40 -40.84 18.50 17.63
C TYR A 40 -41.45 19.15 18.87
N PHE A 43 -38.59 18.61 21.28
CA PHE A 43 -37.24 18.73 20.73
C PHE A 43 -37.25 18.84 19.21
N LYS A 44 -36.74 19.96 18.69
CA LYS A 44 -36.78 20.25 17.25
C LYS A 44 -35.76 19.43 16.45
N THR A 45 -34.48 19.79 16.53
CA THR A 45 -33.45 19.14 15.72
C THR A 45 -33.09 17.76 16.26
N LYS A 46 -32.28 17.03 15.49
CA LYS A 46 -31.76 15.72 15.90
C LYS A 46 -30.79 15.90 17.05
N GLU A 47 -29.93 16.92 16.94
CA GLU A 47 -28.96 17.22 17.99
C GLU A 47 -29.59 17.76 19.28
N ASN A 48 -30.87 18.13 19.23
CA ASN A 48 -31.63 18.48 20.42
C ASN A 48 -32.27 17.25 21.06
N LEU A 49 -32.61 16.27 20.22
CA LEU A 49 -33.13 14.98 20.67
C LEU A 49 -32.02 14.19 21.35
N PHE A 50 -30.94 14.00 20.62
CA PHE A 50 -29.78 13.28 21.12
C PHE A 50 -29.30 13.89 22.43
N LEU A 51 -29.15 15.22 22.45
CA LEU A 51 -28.66 15.92 23.65
C LEU A 51 -29.61 15.72 24.85
N GLU A 52 -30.90 15.56 24.56
CA GLU A 52 -31.88 15.27 25.62
C GLU A 52 -31.68 13.87 26.20
N ILE A 53 -31.42 12.89 25.34
CA ILE A 53 -31.17 11.50 25.75
C ILE A 53 -29.96 11.38 26.69
N LEU A 54 -28.93 12.17 26.43
CA LEU A 54 -27.74 12.15 27.26
C LEU A 54 -28.06 12.51 28.72
N ASN A 55 -29.03 13.38 28.93
CA ASN A 55 -29.43 13.76 30.28
C ASN A 55 -30.21 12.68 30.99
N ILE A 56 -31.14 12.04 30.30
CA ILE A 56 -31.94 10.97 30.93
C ILE A 56 -31.03 9.81 31.32
N GLU A 57 -29.98 9.58 30.53
CA GLU A 57 -29.01 8.51 30.79
C GLU A 57 -27.94 8.96 31.78
N GLU A 58 -27.56 10.23 31.71
CA GLU A 58 -26.65 10.81 32.69
C GLU A 58 -27.28 10.83 34.08
N SER A 59 -28.58 11.15 34.16
CA SER A 59 -29.30 11.15 35.43
C SER A 59 -29.52 9.73 35.96
N LYS A 60 -29.94 8.83 35.08
CA LYS A 60 -30.17 7.42 35.46
C LYS A 60 -28.94 6.82 36.13
N TRP A 61 -27.78 6.98 35.49
CA TRP A 61 -26.49 6.58 36.07
C TRP A 61 -26.23 7.27 37.40
N GLN A 62 -26.42 8.58 37.41
CA GLN A 62 -26.08 9.41 38.57
C GLN A 62 -26.97 9.11 39.79
N GLU A 63 -28.16 8.57 39.56
CA GLU A 63 -29.02 8.14 40.67
C GLU A 63 -28.83 6.66 41.03
N GLN A 64 -28.25 5.90 40.12
CA GLN A 64 -27.83 4.54 40.40
C GLN A 64 -26.59 4.57 41.26
N TRP A 65 -25.73 5.55 41.02
CA TRP A 65 -24.51 5.70 41.82
C TRP A 65 -24.84 6.16 43.24
N LYS A 66 -25.89 6.96 43.40
CA LYS A 66 -26.36 7.36 44.73
C LYS A 66 -26.90 6.15 45.49
N SER A 67 -27.62 5.27 44.79
CA SER A 67 -28.21 4.07 45.37
C SER A 67 -27.19 2.97 45.70
N GLU A 68 -25.99 3.07 45.14
CA GLU A 68 -24.99 2.02 45.29
C GLU A 68 -23.76 2.45 46.09
N GLN A 69 -23.58 3.75 46.31
CA GLN A 69 -22.32 4.25 46.90
C GLN A 69 -22.20 4.12 48.43
N ILE A 70 -23.31 3.85 49.12
CA ILE A 70 -23.25 3.72 50.57
C ILE A 70 -22.39 2.52 50.99
N LYS A 71 -22.24 1.56 50.09
CA LYS A 71 -21.40 0.39 50.36
C LYS A 71 -19.93 0.81 50.48
N ALA A 72 -19.54 1.86 49.77
CA ALA A 72 -18.22 2.47 49.95
C ALA A 72 -18.25 3.33 51.22
N LYS A 73 -17.46 2.92 52.21
CA LYS A 73 -17.52 3.53 53.55
C LYS A 73 -16.78 4.86 53.65
N THR A 74 -15.58 4.91 53.05
CA THR A 74 -14.80 6.14 53.00
C THR A 74 -14.86 6.70 51.58
N ASN A 75 -14.29 7.89 51.38
CA ASN A 75 -14.18 8.49 50.06
C ASN A 75 -13.18 7.78 49.16
N ARG A 76 -12.14 7.21 49.76
CA ARG A 76 -11.11 6.46 49.02
C ARG A 76 -11.73 5.23 48.37
N GLU A 77 -12.62 4.57 49.09
CA GLU A 77 -13.37 3.44 48.55
C GLU A 77 -14.32 3.92 47.45
N LYS A 78 -15.04 5.01 47.70
CA LYS A 78 -15.99 5.55 46.74
C LYS A 78 -15.34 5.80 45.38
N PHE A 79 -14.11 6.29 45.38
CA PHE A 79 -13.38 6.57 44.15
C PHE A 79 -13.15 5.29 43.36
N TYR A 80 -12.61 4.28 44.04
CA TYR A 80 -12.41 2.95 43.46
C TYR A 80 -13.71 2.42 42.86
N LEU A 81 -14.77 2.47 43.66
CA LEU A 81 -16.06 1.90 43.30
C LEU A 81 -16.72 2.62 42.12
N TYR A 82 -16.85 3.94 42.20
CA TYR A 82 -17.43 4.71 41.08
C TYR A 82 -16.77 4.33 39.76
N ASN A 83 -15.45 4.18 39.80
CA ASN A 83 -14.69 3.77 38.63
C ASN A 83 -14.93 2.30 38.25
N GLU A 84 -15.12 1.42 39.23
CA GLU A 84 -15.46 0.02 38.94
C GLU A 84 -16.83 -0.07 38.31
N LEU A 85 -17.82 0.40 39.05
CA LEU A 85 -19.22 0.44 38.59
C LEU A 85 -19.33 1.07 37.19
N SER A 86 -18.53 2.10 36.93
CA SER A 86 -18.48 2.74 35.60
C SER A 86 -18.42 1.74 34.44
N LEU A 87 -17.68 0.66 34.64
CA LEU A 87 -17.56 -0.37 33.61
C LEU A 87 -18.82 -1.21 33.47
N THR A 88 -19.46 -1.56 34.58
CA THR A 88 -20.60 -2.48 34.56
C THR A 88 -21.96 -1.83 34.24
N THR A 89 -22.12 -0.55 34.51
CA THR A 89 -23.40 0.13 34.23
C THR A 89 -23.82 0.09 32.75
N GLU A 90 -25.14 0.14 32.56
CA GLU A 90 -25.77 0.24 31.26
C GLU A 90 -26.21 1.68 30.98
N TYR A 91 -25.89 2.58 31.90
CA TYR A 91 -26.27 3.98 31.75
C TYR A 91 -25.09 4.86 31.33
N TYR A 92 -25.38 5.78 30.41
CA TYR A 92 -24.45 6.84 29.99
C TYR A 92 -23.21 6.31 29.27
N TYR A 93 -22.35 5.60 30.00
CA TYR A 93 -21.07 5.17 29.43
C TYR A 93 -21.15 4.34 28.14
N PRO A 94 -22.24 3.58 27.94
CA PRO A 94 -22.41 2.87 26.66
C PRO A 94 -22.84 3.72 25.46
N LEU A 95 -23.03 5.02 25.64
CA LEU A 95 -23.28 5.92 24.50
C LEU A 95 -22.01 6.65 24.07
N GLN A 96 -21.00 6.64 24.95
CA GLN A 96 -19.81 7.49 24.77
C GLN A 96 -19.24 7.48 23.36
N ASN A 97 -19.29 6.34 22.67
CA ASN A 97 -18.87 6.30 21.27
C ASN A 97 -19.66 7.27 20.39
N ALA A 98 -20.97 7.29 20.58
CA ALA A 98 -21.87 8.16 19.81
C ALA A 98 -21.60 9.64 20.03
N ILE A 99 -21.17 9.99 21.24
CA ILE A 99 -20.82 11.37 21.56
C ILE A 99 -19.58 11.79 20.76
N ILE A 100 -18.57 10.94 20.71
CA ILE A 100 -17.32 11.28 20.02
C ILE A 100 -17.58 11.76 18.58
N GLU A 101 -18.56 11.15 17.91
CA GLU A 101 -18.97 11.59 16.58
C GLU A 101 -19.57 12.99 16.63
N PHE A 102 -20.53 13.15 17.53
CA PHE A 102 -21.23 14.41 17.74
C PHE A 102 -20.24 15.52 18.10
N TYR A 103 -19.33 15.22 19.03
CA TYR A 103 -18.32 16.17 19.49
C TYR A 103 -17.54 16.75 18.33
N THR A 104 -17.20 15.88 17.38
CA THR A 104 -16.34 16.25 16.26
C THR A 104 -17.07 16.28 14.92
N GLU A 105 -18.35 16.64 14.92
CA GLU A 105 -19.11 16.84 13.69
C GLU A 105 -20.19 17.92 13.83
N TYR A 106 -21.30 17.60 14.48
CA TYR A 106 -22.42 18.54 14.63
C TYR A 106 -22.18 19.52 15.77
N TYR A 107 -21.29 20.49 15.54
CA TYR A 107 -20.94 21.49 16.55
C TYR A 107 -20.25 22.71 15.92
N THR A 109 -23.04 24.42 14.77
CA THR A 109 -23.73 25.18 15.78
C THR A 109 -22.83 25.49 16.98
N ASN A 110 -22.90 26.71 17.48
CA ASN A 110 -22.12 27.15 18.64
C ASN A 110 -22.89 27.01 19.96
N SER A 111 -24.21 27.16 19.89
CA SER A 111 -25.07 27.08 21.08
C SER A 111 -25.09 25.68 21.69
N ILE A 112 -24.95 24.67 20.84
CA ILE A 112 -24.91 23.27 21.27
C ILE A 112 -23.71 23.00 22.20
N ASN A 113 -22.57 23.62 21.90
CA ASN A 113 -21.36 23.50 22.72
C ASN A 113 -21.60 23.92 24.17
N GLU A 114 -22.06 25.16 24.34
CA GLU A 114 -22.36 25.72 25.67
C GLU A 114 -23.49 24.95 26.36
N LYS A 115 -24.49 24.55 25.57
CA LYS A 115 -25.64 23.79 26.09
C LYS A 115 -25.21 22.50 26.78
N MET A 116 -24.34 21.74 26.12
CA MET A 116 -23.89 20.44 26.65
C MET A 116 -22.63 20.52 27.51
N ASN A 117 -22.17 21.73 27.83
CA ASN A 117 -21.08 21.89 28.78
C ASN A 117 -21.62 21.68 30.20
N LYS A 118 -22.88 22.05 30.41
CA LYS A 118 -23.60 21.73 31.65
C LYS A 118 -23.72 20.23 31.89
N LEU A 119 -23.84 19.47 30.79
CA LEU A 119 -23.86 18.01 30.84
C LEU A 119 -22.49 17.46 31.24
N GLN A 120 -21.43 18.14 30.82
CA GLN A 120 -20.07 17.79 31.23
C GLN A 120 -19.89 17.98 32.74
N ASN A 121 -20.20 19.18 33.24
CA ASN A 121 -20.05 19.51 34.66
C ASN A 121 -20.88 18.60 35.59
N LYS A 122 -21.91 17.99 35.05
CA LYS A 122 -22.73 17.02 35.79
C LYS A 122 -21.92 15.74 36.01
N TYR A 123 -21.17 15.37 34.98
CA TYR A 123 -20.40 14.12 34.93
C TYR A 123 -19.16 14.16 35.84
N ILE A 124 -18.61 15.34 36.07
CA ILE A 124 -17.50 15.48 37.02
C ILE A 124 -17.95 15.58 38.49
N ASP A 125 -19.16 16.08 38.73
CA ASP A 125 -19.61 16.32 40.11
C ASP A 125 -19.60 15.07 40.99
N ALA A 126 -19.65 13.90 40.37
CA ALA A 126 -19.41 12.66 41.08
C ALA A 126 -18.06 12.74 41.78
N TYR A 127 -17.02 13.13 41.02
CA TYR A 127 -15.65 13.24 41.54
C TYR A 127 -15.45 14.50 42.37
N HIS A 128 -16.15 15.58 42.03
CA HIS A 128 -15.98 16.83 42.76
C HIS A 128 -16.41 16.68 44.22
N VAL A 129 -17.56 16.05 44.42
CA VAL A 129 -18.05 15.71 45.77
C VAL A 129 -17.06 14.82 46.51
N ILE A 130 -16.56 13.80 45.82
CA ILE A 130 -15.66 12.83 46.43
C ILE A 130 -14.38 13.49 46.93
N PHE A 131 -13.73 14.23 46.05
CA PHE A 131 -12.46 14.85 46.41
C PHE A 131 -12.62 15.95 47.47
N LYS A 132 -13.68 16.75 47.36
CA LYS A 132 -13.98 17.77 48.36
C LYS A 132 -14.14 17.11 49.73
N GLU A 133 -14.94 16.03 49.77
CA GLU A 133 -15.20 15.29 51.01
C GLU A 133 -13.95 14.63 51.58
N GLY A 134 -12.99 14.31 50.72
CA GLY A 134 -11.72 13.77 51.18
C GLY A 134 -10.89 14.82 51.90
N ASN A 135 -10.86 16.02 51.34
CA ASN A 135 -10.27 17.19 52.01
C ASN A 135 -10.95 17.45 53.36
N LEU A 136 -12.27 17.27 53.42
CA LEU A 136 -13.05 17.42 54.66
C LEU A 136 -12.80 16.28 55.65
N ASN A 137 -13.05 15.04 55.22
CA ASN A 137 -12.86 13.86 56.06
C ASN A 137 -11.39 13.52 56.33
N GLY A 138 -10.47 14.25 55.71
CA GLY A 138 -9.04 14.16 56.03
C GLY A 138 -8.32 12.97 55.43
N GLU A 139 -8.75 12.54 54.25
CA GLU A 139 -8.14 11.38 53.58
C GLU A 139 -7.01 11.80 52.65
N TRP A 140 -7.07 13.04 52.18
CA TRP A 140 -6.04 13.59 51.31
C TRP A 140 -6.23 15.10 51.28
N SER A 141 -5.37 15.80 50.55
CA SER A 141 -5.49 17.23 50.45
C SER A 141 -5.27 17.68 49.01
N ILE A 142 -6.37 17.85 48.28
CA ILE A 142 -6.31 18.42 46.93
C ILE A 142 -6.25 19.94 47.05
N ASN A 143 -5.54 20.57 46.12
CA ASN A 143 -5.37 22.03 46.11
C ASN A 143 -6.27 22.68 45.05
N ASP A 144 -6.38 22.04 43.88
CA ASP A 144 -7.30 22.46 42.82
C ASP A 144 -8.19 21.28 42.40
N VAL A 145 -9.36 21.18 43.02
CA VAL A 145 -10.20 19.99 42.90
C VAL A 145 -10.88 19.90 41.54
N ASN A 146 -11.54 20.99 41.14
CA ASN A 146 -12.22 21.03 39.83
C ASN A 146 -11.30 20.66 38.65
N ALA A 147 -10.00 20.94 38.78
CA ALA A 147 -9.02 20.47 37.82
C ALA A 147 -8.85 18.95 37.97
N VAL A 148 -8.46 18.52 39.17
CA VAL A 148 -8.20 17.11 39.44
C VAL A 148 -9.38 16.19 39.11
N SER A 149 -10.60 16.74 39.17
CA SER A 149 -11.81 16.01 38.80
C SER A 149 -11.89 15.84 37.28
N LYS A 150 -11.71 16.93 36.56
CA LYS A 150 -11.74 16.87 35.11
C LYS A 150 -10.77 15.78 34.60
N ILE A 151 -9.63 15.65 35.26
CA ILE A 151 -8.62 14.65 34.88
C ILE A 151 -9.11 13.25 35.20
N ALA A 152 -9.41 13.00 36.48
CA ALA A 152 -9.84 11.68 36.94
C ALA A 152 -10.98 11.14 36.08
N ALA A 153 -11.97 12.00 35.84
CA ALA A 153 -13.12 11.64 35.02
C ALA A 153 -12.67 11.17 33.63
N ASN A 154 -12.06 12.09 32.87
CA ASN A 154 -11.67 11.78 31.51
C ASN A 154 -10.66 10.64 31.42
N ALA A 155 -9.73 10.58 32.38
CA ALA A 155 -8.86 9.42 32.50
C ALA A 155 -9.76 8.18 32.51
N VAL A 156 -10.66 8.12 33.49
CA VAL A 156 -11.53 6.95 33.68
C VAL A 156 -12.34 6.62 32.43
N ASN A 157 -13.00 7.61 31.87
CA ASN A 157 -13.75 7.41 30.63
C ASN A 157 -12.88 6.74 29.58
N GLY A 158 -11.59 7.06 29.58
CA GLY A 158 -10.65 6.45 28.66
C GLY A 158 -10.54 4.95 28.85
N ILE A 159 -10.30 4.54 30.09
CA ILE A 159 -10.20 3.12 30.43
C ILE A 159 -11.46 2.38 29.98
N VAL A 160 -12.62 2.98 30.24
CA VAL A 160 -13.91 2.34 29.99
C VAL A 160 -14.15 2.13 28.50
N THR A 161 -13.99 3.21 27.74
CA THR A 161 -14.37 3.26 26.33
C THR A 161 -13.38 2.56 25.42
N PHE A 162 -12.08 2.74 25.68
CA PHE A 162 -11.05 2.26 24.75
C PHE A 162 -10.57 0.83 25.00
N THR A 163 -11.31 0.06 25.80
CA THR A 163 -11.01 -1.36 26.02
C THR A 163 -12.26 -2.24 25.89
N HIS A 164 -13.21 -1.83 25.04
CA HIS A 164 -14.48 -2.55 24.83
C HIS A 164 -14.30 -3.79 23.93
N GLU A 165 -13.27 -4.58 24.21
CA GLU A 165 -12.90 -5.71 23.37
C GLU A 165 -11.99 -6.71 24.11
N GLN A 166 -12.29 -6.96 25.38
CA GLN A 166 -11.56 -7.98 26.17
C GLN A 166 -12.30 -8.40 27.45
N ASN A 167 -11.82 -9.48 28.06
CA ASN A 167 -12.39 -10.04 29.29
C ASN A 167 -12.72 -8.98 30.34
N ILE A 168 -13.94 -9.07 30.88
CA ILE A 168 -14.46 -8.05 31.79
C ILE A 168 -13.80 -8.09 33.17
N ASN A 169 -13.43 -9.28 33.62
CA ASN A 169 -12.70 -9.41 34.89
C ASN A 169 -11.37 -8.69 34.83
N GLU A 170 -10.70 -8.73 33.67
CA GLU A 170 -9.43 -8.02 33.47
C GLU A 170 -9.65 -6.51 33.50
N ARG A 171 -10.63 -6.04 32.74
CA ARG A 171 -10.99 -4.61 32.68
C ARG A 171 -11.06 -3.97 34.05
N ILE A 172 -11.75 -4.66 34.95
CA ILE A 172 -11.93 -4.23 36.33
C ILE A 172 -10.60 -4.17 37.08
N LYS A 173 -9.73 -5.16 36.85
CA LYS A 173 -8.40 -5.19 37.46
C LYS A 173 -7.56 -3.98 37.04
N LEU A 174 -7.59 -3.65 35.75
CA LEU A 174 -6.84 -2.51 35.23
C LEU A 174 -7.40 -1.20 35.77
N MET A 175 -8.72 -1.12 35.91
CA MET A 175 -9.36 0.07 36.48
C MET A 175 -8.94 0.23 37.95
N ASN A 176 -9.03 -0.85 38.70
CA ASN A 176 -8.58 -0.88 40.09
C ASN A 176 -7.15 -0.39 40.23
N LYS A 177 -6.24 -0.93 39.42
CA LYS A 177 -4.83 -0.52 39.46
C LYS A 177 -4.71 0.98 39.19
N PHE A 178 -5.42 1.48 38.19
CA PHE A 178 -5.43 2.92 37.90
C PHE A 178 -5.91 3.69 39.13
N SER A 179 -7.10 3.38 39.60
CA SER A 179 -7.66 4.03 40.79
C SER A 179 -6.61 4.10 41.90
N GLN A 180 -5.84 3.02 42.07
CA GLN A 180 -4.79 2.98 43.10
C GLN A 180 -3.65 3.93 42.79
N ILE A 181 -3.12 3.86 41.58
CA ILE A 181 -2.00 4.73 41.18
C ILE A 181 -2.41 6.19 41.35
N PHE A 182 -3.50 6.56 40.67
CA PHE A 182 -3.95 7.96 40.65
C PHE A 182 -4.07 8.52 42.05
N LEU A 183 -4.85 7.82 42.86
CA LEU A 183 -5.18 8.30 44.19
C LEU A 183 -3.91 8.48 44.99
N ASN A 184 -2.94 7.58 44.79
CA ASN A 184 -1.68 7.64 45.52
C ASN A 184 -0.84 8.85 45.15
N GLY A 185 -1.01 9.32 43.92
CA GLY A 185 -0.28 10.50 43.43
C GLY A 185 -0.67 11.80 44.10
N LEU A 186 -1.68 11.74 44.97
CA LEU A 186 -2.17 12.90 45.70
C LEU A 186 -1.57 12.96 47.12
N SER A 187 -1.44 11.80 47.74
CA SER A 187 -0.83 11.66 49.07
C SER A 187 0.68 11.98 49.01
N ASN B 2 33.91 -33.54 -7.82
CA ASN B 2 33.08 -32.44 -7.23
C ASN B 2 32.37 -31.65 -8.33
N LEU B 3 31.30 -32.23 -8.88
CA LEU B 3 30.61 -31.71 -10.06
C LEU B 3 29.73 -30.48 -9.74
N LYS B 4 30.40 -29.33 -9.59
CA LYS B 4 29.76 -28.03 -9.38
C LYS B 4 29.21 -27.50 -10.71
N ASP B 5 29.97 -27.73 -11.79
CA ASP B 5 29.60 -27.26 -13.12
C ASP B 5 28.46 -28.09 -13.72
N LYS B 6 28.14 -29.21 -13.07
CA LYS B 6 26.95 -29.98 -13.37
C LYS B 6 25.70 -29.24 -12.90
N ILE B 7 25.73 -28.68 -11.69
CA ILE B 7 24.60 -27.93 -11.14
C ILE B 7 24.37 -26.67 -11.99
N LEU B 8 25.46 -26.01 -12.37
CA LEU B 8 25.39 -24.79 -13.19
C LEU B 8 24.73 -25.05 -14.54
N GLY B 9 25.06 -26.18 -15.16
CA GLY B 9 24.50 -26.54 -16.46
C GLY B 9 23.01 -26.81 -16.42
N VAL B 10 22.58 -27.63 -15.45
CA VAL B 10 21.17 -27.98 -15.33
C VAL B 10 20.36 -26.74 -14.96
N ALA B 11 20.87 -25.97 -14.02
CA ALA B 11 20.24 -24.71 -13.62
C ALA B 11 20.09 -23.76 -14.80
N LYS B 12 21.17 -23.58 -15.56
CA LYS B 12 21.17 -22.72 -16.74
C LYS B 12 20.04 -23.10 -17.69
N GLU B 13 19.94 -24.39 -17.98
CA GLU B 13 18.99 -24.88 -18.98
C GLU B 13 17.55 -24.91 -18.46
N LEU B 14 17.38 -24.94 -17.14
CA LEU B 14 16.04 -24.85 -16.56
C LEU B 14 15.56 -23.40 -16.59
N PHE B 15 16.43 -22.46 -16.23
CA PHE B 15 16.08 -21.05 -16.26
C PHE B 15 15.78 -20.55 -17.68
N ILE B 16 16.46 -21.11 -18.67
CA ILE B 16 16.14 -20.79 -20.05
C ILE B 16 14.81 -21.44 -20.42
N LYS B 17 14.64 -22.69 -20.02
CA LYS B 17 13.43 -23.43 -20.34
C LYS B 17 12.21 -22.84 -19.66
N ASN B 18 12.29 -22.68 -18.35
CA ASN B 18 11.13 -22.35 -17.50
C ASN B 18 11.07 -20.91 -16.98
N GLY B 19 12.22 -20.27 -16.89
CA GLY B 19 12.34 -18.97 -16.23
C GLY B 19 12.84 -19.16 -14.81
N TYR B 20 13.08 -18.05 -14.12
CA TYR B 20 13.62 -18.08 -12.76
C TYR B 20 12.63 -18.64 -11.74
N ASN B 21 11.47 -17.97 -11.63
CA ASN B 21 10.50 -18.29 -10.60
C ASN B 21 10.05 -19.75 -10.64
N ALA B 22 9.72 -20.25 -11.83
CA ALA B 22 9.18 -21.60 -11.99
C ALA B 22 10.23 -22.71 -11.86
N THR B 23 11.48 -22.36 -11.57
CA THR B 23 12.53 -23.35 -11.38
C THR B 23 12.86 -23.52 -9.90
N THR B 24 12.40 -24.64 -9.34
CA THR B 24 12.68 -24.99 -7.94
C THR B 24 14.09 -25.56 -7.79
N THR B 25 14.62 -25.51 -6.56
CA THR B 25 15.93 -26.09 -6.25
C THR B 25 15.86 -27.61 -6.34
N GLY B 26 14.79 -28.18 -5.82
CA GLY B 26 14.58 -29.64 -5.85
C GLY B 26 14.76 -30.22 -7.24
N GLU B 27 14.20 -29.53 -8.23
CA GLU B 27 14.39 -29.90 -9.64
C GLU B 27 15.86 -29.73 -10.06
N ILE B 28 16.44 -28.56 -9.76
CA ILE B 28 17.85 -28.28 -10.08
C ILE B 28 18.74 -29.42 -9.62
N VAL B 29 18.75 -29.66 -8.32
CA VAL B 29 19.58 -30.67 -7.68
C VAL B 29 19.30 -32.09 -8.19
N LYS B 30 18.05 -32.53 -8.09
CA LYS B 30 17.66 -33.90 -8.46
C LYS B 30 18.03 -34.24 -9.92
N LEU B 31 17.80 -33.29 -10.81
CA LEU B 31 18.05 -33.50 -12.24
C LEU B 31 19.53 -33.42 -12.59
N SER B 32 20.35 -33.04 -11.61
CA SER B 32 21.81 -33.03 -11.75
C SER B 32 22.46 -34.12 -10.87
N GLU B 33 21.66 -35.10 -10.43
CA GLU B 33 22.13 -36.21 -9.59
C GLU B 33 22.89 -35.76 -8.34
N SER B 34 22.45 -34.64 -7.75
CA SER B 34 23.17 -33.96 -6.67
C SER B 34 22.35 -33.83 -5.39
N SER B 35 22.81 -32.97 -4.48
CA SER B 35 22.17 -32.76 -3.18
C SER B 35 21.87 -31.29 -2.95
N LYS B 36 20.76 -31.00 -2.27
CA LYS B 36 20.39 -29.63 -1.92
C LYS B 36 21.39 -29.01 -0.94
N GLY B 37 22.09 -29.86 -0.19
CA GLY B 37 23.18 -29.41 0.68
C GLY B 37 24.42 -29.06 -0.12
N ASN B 38 24.66 -29.81 -1.19
CA ASN B 38 25.76 -29.53 -2.11
C ASN B 38 25.55 -28.19 -2.81
N LEU B 39 24.31 -27.90 -3.17
CA LEU B 39 23.97 -26.63 -3.80
C LEU B 39 24.30 -25.48 -2.85
N TYR B 40 23.85 -25.61 -1.60
CA TYR B 40 24.12 -24.62 -0.56
C TYR B 40 25.63 -24.49 -0.30
N TYR B 41 26.33 -25.61 -0.38
CA TYR B 41 27.77 -25.67 -0.13
C TYR B 41 28.56 -24.80 -1.10
N HIS B 42 28.30 -24.96 -2.40
CA HIS B 42 29.01 -24.21 -3.45
C HIS B 42 28.45 -22.81 -3.68
N PHE B 43 27.12 -22.69 -3.69
CA PHE B 43 26.46 -21.46 -4.16
C PHE B 43 25.66 -20.68 -3.10
N LYS B 44 25.48 -21.25 -1.91
CA LYS B 44 24.78 -20.58 -0.79
C LYS B 44 23.26 -20.48 -1.00
N THR B 45 22.85 -19.66 -1.95
CA THR B 45 21.42 -19.40 -2.22
C THR B 45 21.13 -19.58 -3.70
N LYS B 46 19.86 -19.71 -4.07
CA LYS B 46 19.48 -19.78 -5.49
C LYS B 46 19.81 -18.45 -6.18
N GLU B 47 19.42 -17.34 -5.55
CA GLU B 47 19.64 -16.02 -6.11
C GLU B 47 21.11 -15.80 -6.42
N ASN B 48 21.99 -16.29 -5.55
CA ASN B 48 23.42 -16.21 -5.79
C ASN B 48 23.80 -17.04 -7.00
N LEU B 49 23.37 -18.30 -7.01
CA LEU B 49 23.61 -19.22 -8.13
C LEU B 49 23.27 -18.58 -9.47
N PHE B 50 22.11 -17.92 -9.52
CA PHE B 50 21.61 -17.31 -10.75
C PHE B 50 22.50 -16.16 -11.23
N LEU B 51 22.92 -15.31 -10.30
CA LEU B 51 23.87 -14.23 -10.60
C LEU B 51 25.18 -14.78 -11.16
N GLU B 52 25.65 -15.87 -10.57
CA GLU B 52 26.88 -16.52 -11.00
C GLU B 52 26.73 -17.07 -12.43
N ILE B 53 25.56 -17.64 -12.73
CA ILE B 53 25.23 -18.06 -14.09
C ILE B 53 25.25 -16.82 -14.97
N LEU B 54 24.61 -15.76 -14.49
CA LEU B 54 24.50 -14.49 -15.22
C LEU B 54 25.88 -13.92 -15.55
N ASN B 55 26.81 -14.06 -14.62
CA ASN B 55 28.20 -13.64 -14.83
C ASN B 55 28.91 -14.45 -15.90
N ILE B 56 28.69 -15.75 -15.92
CA ILE B 56 29.32 -16.60 -16.94
C ILE B 56 28.82 -16.19 -18.34
N GLU B 57 27.50 -16.11 -18.51
CA GLU B 57 26.93 -15.81 -19.82
C GLU B 57 27.39 -14.43 -20.31
N GLU B 58 27.31 -13.43 -19.45
CA GLU B 58 27.76 -12.08 -19.78
C GLU B 58 29.25 -12.07 -20.16
N SER B 59 30.02 -12.88 -19.45
CA SER B 59 31.45 -13.00 -19.70
C SER B 59 31.72 -13.67 -21.05
N LYS B 60 31.05 -14.79 -21.31
CA LYS B 60 31.31 -15.58 -22.51
C LYS B 60 30.84 -14.86 -23.78
N TRP B 61 29.73 -14.14 -23.69
CA TRP B 61 29.22 -13.31 -24.79
C TRP B 61 30.15 -12.12 -25.09
N GLN B 62 30.73 -11.54 -24.05
CA GLN B 62 31.76 -10.52 -24.22
C GLN B 62 32.94 -11.10 -24.97
N GLU B 63 33.38 -12.30 -24.57
CA GLU B 63 34.49 -12.99 -25.23
C GLU B 63 34.21 -13.20 -26.74
N GLN B 64 33.00 -13.66 -27.06
CA GLN B 64 32.62 -13.98 -28.43
C GLN B 64 32.57 -12.74 -29.34
N TRP B 65 32.11 -11.62 -28.80
CA TRP B 65 32.05 -10.36 -29.56
C TRP B 65 33.46 -9.78 -29.78
N LYS B 66 34.31 -9.89 -28.76
CA LYS B 66 35.70 -9.44 -28.88
C LYS B 66 36.42 -10.10 -30.05
N SER B 67 36.18 -11.41 -30.22
CA SER B 67 36.85 -12.21 -31.25
C SER B 67 36.32 -11.92 -32.65
N GLU B 68 35.01 -11.70 -32.73
CA GLU B 68 34.33 -11.63 -34.02
C GLU B 68 34.31 -10.21 -34.59
N GLN B 69 34.19 -9.22 -33.73
CA GLN B 69 34.04 -7.82 -34.16
C GLN B 69 35.06 -7.31 -35.19
N ILE B 70 36.26 -7.88 -35.23
CA ILE B 70 37.29 -7.37 -36.15
C ILE B 70 36.87 -7.38 -37.64
N LYS B 71 35.97 -8.29 -38.00
CA LYS B 71 35.47 -8.41 -39.38
C LYS B 71 34.66 -7.19 -39.85
N ALA B 72 34.21 -6.36 -38.90
CA ALA B 72 33.53 -5.09 -39.22
C ALA B 72 34.52 -3.94 -39.14
N LYS B 73 34.89 -3.38 -40.30
CA LYS B 73 35.93 -2.34 -40.37
C LYS B 73 35.42 -1.01 -39.85
N THR B 74 34.24 -0.59 -40.32
CA THR B 74 33.60 0.63 -39.82
C THR B 74 32.89 0.32 -38.51
N ASN B 75 32.71 1.33 -37.67
CA ASN B 75 31.86 1.18 -36.46
C ASN B 75 30.38 1.12 -36.81
N ARG B 76 30.02 1.62 -37.98
CA ARG B 76 28.67 1.45 -38.50
C ARG B 76 28.42 -0.05 -38.70
N GLU B 77 29.39 -0.72 -39.32
CA GLU B 77 29.30 -2.16 -39.59
C GLU B 77 29.35 -2.99 -38.31
N LYS B 78 29.98 -2.46 -37.25
CA LYS B 78 29.99 -3.13 -35.94
C LYS B 78 28.60 -3.15 -35.30
N PHE B 79 27.93 -2.00 -35.31
CA PHE B 79 26.57 -1.88 -34.79
C PHE B 79 25.60 -2.82 -35.51
N TYR B 80 25.81 -3.01 -36.82
CA TYR B 80 25.04 -3.99 -37.59
C TYR B 80 25.34 -5.41 -37.11
N LEU B 81 26.61 -5.80 -37.14
CA LEU B 81 27.03 -7.15 -36.77
C LEU B 81 26.64 -7.51 -35.32
N TYR B 82 26.79 -6.57 -34.40
CA TYR B 82 26.44 -6.82 -33.01
C TYR B 82 24.96 -7.18 -32.84
N ASN B 83 24.11 -6.39 -33.48
CA ASN B 83 22.69 -6.62 -33.45
C ASN B 83 22.33 -7.91 -34.20
N GLU B 84 23.04 -8.20 -35.29
CA GLU B 84 22.85 -9.45 -36.04
C GLU B 84 23.23 -10.63 -35.15
N LEU B 85 24.46 -10.60 -34.64
CA LEU B 85 24.98 -11.69 -33.83
C LEU B 85 24.12 -11.95 -32.60
N SER B 86 23.58 -10.89 -31.99
CA SER B 86 22.75 -11.03 -30.80
C SER B 86 21.61 -12.04 -30.97
N LEU B 87 21.05 -12.09 -32.18
CA LEU B 87 20.02 -13.06 -32.50
C LEU B 87 20.54 -14.50 -32.47
N THR B 88 21.73 -14.71 -33.02
CA THR B 88 22.28 -16.05 -33.20
C THR B 88 23.10 -16.57 -32.02
N THR B 89 23.64 -15.68 -31.19
CA THR B 89 24.50 -16.07 -30.06
C THR B 89 23.81 -16.99 -29.07
N GLU B 90 24.52 -18.05 -28.66
CA GLU B 90 23.99 -18.97 -27.66
C GLU B 90 24.02 -18.39 -26.24
N TYR B 91 24.78 -17.31 -26.04
CA TYR B 91 25.02 -16.77 -24.71
C TYR B 91 24.15 -15.57 -24.35
N TYR B 92 23.66 -15.57 -23.12
CA TYR B 92 23.05 -14.41 -22.46
C TYR B 92 21.64 -14.06 -22.91
N TYR B 93 21.48 -13.70 -24.17
CA TYR B 93 20.19 -13.23 -24.66
C TYR B 93 19.02 -14.21 -24.47
N PRO B 94 19.31 -15.54 -24.40
CA PRO B 94 18.24 -16.47 -24.04
C PRO B 94 17.74 -16.40 -22.60
N LEU B 95 18.52 -15.80 -21.70
CA LEU B 95 18.14 -15.77 -20.30
C LEU B 95 17.12 -14.69 -19.94
N GLN B 96 16.86 -13.75 -20.84
CA GLN B 96 16.07 -12.54 -20.52
C GLN B 96 14.80 -12.83 -19.71
N ASN B 97 14.05 -13.85 -20.11
CA ASN B 97 12.83 -14.19 -19.41
C ASN B 97 13.02 -14.55 -17.93
N ALA B 98 14.23 -14.96 -17.57
CA ALA B 98 14.61 -15.10 -16.18
C ALA B 98 15.07 -13.76 -15.62
N ILE B 99 15.87 -13.02 -16.39
CA ILE B 99 16.36 -11.71 -15.95
C ILE B 99 15.20 -10.82 -15.52
N ILE B 100 14.15 -10.76 -16.33
CA ILE B 100 12.96 -9.95 -16.00
C ILE B 100 12.34 -10.47 -14.72
N GLU B 101 12.01 -11.76 -14.71
CA GLU B 101 11.45 -12.40 -13.51
C GLU B 101 12.31 -12.07 -12.28
N PHE B 102 13.60 -12.36 -12.38
CA PHE B 102 14.55 -12.17 -11.28
C PHE B 102 14.61 -10.73 -10.82
N TYR B 103 14.75 -9.80 -11.76
CA TYR B 103 14.84 -8.40 -11.43
C TYR B 103 13.64 -7.93 -10.63
N THR B 104 12.44 -8.24 -11.12
CA THR B 104 11.23 -7.74 -10.51
C THR B 104 11.04 -8.27 -9.08
N GLU B 105 11.72 -9.36 -8.73
CA GLU B 105 11.70 -9.88 -7.36
C GLU B 105 12.61 -9.09 -6.44
N TYR B 106 13.83 -8.78 -6.93
CA TYR B 106 14.87 -8.18 -6.09
C TYR B 106 15.08 -6.68 -6.29
N TYR B 107 14.41 -6.08 -7.29
CA TYR B 107 14.47 -4.63 -7.48
C TYR B 107 14.24 -3.92 -6.14
N LYS B 108 13.29 -4.43 -5.36
CA LYS B 108 12.99 -3.88 -4.04
C LYS B 108 14.20 -3.87 -3.11
N THR B 109 14.97 -4.97 -3.09
CA THR B 109 16.17 -5.04 -2.24
C THR B 109 17.31 -4.21 -2.85
N ASN B 110 18.41 -4.07 -2.10
CA ASN B 110 19.52 -3.18 -2.48
C ASN B 110 20.77 -3.92 -2.94
N SER B 111 21.16 -4.96 -2.20
CA SER B 111 22.43 -5.66 -2.42
C SER B 111 22.50 -6.32 -3.80
N ILE B 112 21.58 -7.25 -4.06
CA ILE B 112 21.50 -7.97 -5.34
C ILE B 112 21.07 -7.06 -6.49
N ASN B 113 20.54 -5.88 -6.16
CA ASN B 113 20.15 -4.89 -7.15
C ASN B 113 21.38 -4.21 -7.77
N GLU B 114 22.29 -3.78 -6.91
CA GLU B 114 23.54 -3.17 -7.36
C GLU B 114 24.39 -4.14 -8.17
N LYS B 115 24.37 -5.42 -7.76
CA LYS B 115 25.03 -6.48 -8.50
C LYS B 115 24.48 -6.57 -9.93
N MET B 116 23.14 -6.58 -10.03
CA MET B 116 22.45 -6.62 -11.32
C MET B 116 22.65 -5.31 -12.10
N ASN B 117 22.78 -4.21 -11.36
CA ASN B 117 23.04 -2.88 -11.93
C ASN B 117 24.43 -2.80 -12.55
N LYS B 118 25.43 -3.32 -11.85
CA LYS B 118 26.81 -3.35 -12.34
C LYS B 118 26.93 -4.25 -13.57
N LEU B 119 26.20 -5.36 -13.56
CA LEU B 119 26.17 -6.31 -14.69
C LEU B 119 25.45 -5.78 -15.93
N GLN B 120 24.58 -4.78 -15.74
CA GLN B 120 23.87 -4.17 -16.87
C GLN B 120 24.76 -3.17 -17.60
N ASN B 121 25.53 -2.38 -16.84
CA ASN B 121 26.50 -1.44 -17.41
C ASN B 121 27.56 -2.15 -18.25
N LYS B 122 27.85 -3.42 -17.92
CA LYS B 122 28.73 -4.25 -18.71
C LYS B 122 28.14 -4.54 -20.09
N TYR B 123 26.84 -4.87 -20.16
CA TYR B 123 26.17 -5.16 -21.42
C TYR B 123 26.14 -3.94 -22.35
N ILE B 124 25.74 -2.79 -21.81
CA ILE B 124 25.65 -1.54 -22.58
C ILE B 124 27.03 -1.04 -23.04
N ASP B 125 28.07 -1.31 -22.24
CA ASP B 125 29.44 -0.85 -22.57
C ASP B 125 29.83 -1.21 -24.00
N ALA B 126 29.33 -2.36 -24.48
CA ALA B 126 29.54 -2.79 -25.87
C ALA B 126 29.09 -1.73 -26.88
N TYR B 127 27.83 -1.33 -26.76
CA TYR B 127 27.28 -0.25 -27.58
C TYR B 127 28.04 1.04 -27.31
N HIS B 128 28.25 1.34 -26.03
CA HIS B 128 28.99 2.54 -25.65
C HIS B 128 30.30 2.65 -26.40
N VAL B 129 31.03 1.53 -26.47
CA VAL B 129 32.30 1.50 -27.21
C VAL B 129 32.10 1.84 -28.69
N ILE B 130 31.07 1.27 -29.30
CA ILE B 130 30.78 1.48 -30.72
C ILE B 130 30.62 2.97 -31.05
N PHE B 131 29.72 3.63 -30.32
CA PHE B 131 29.40 5.04 -30.57
C PHE B 131 30.57 5.96 -30.20
N LYS B 132 31.25 5.65 -29.09
CA LYS B 132 32.36 6.48 -28.60
C LYS B 132 33.49 6.53 -29.63
N GLU B 133 33.97 5.36 -30.03
CA GLU B 133 34.98 5.26 -31.09
C GLU B 133 34.43 5.73 -32.45
N GLY B 134 33.13 5.63 -32.64
CA GLY B 134 32.49 6.11 -33.87
C GLY B 134 32.52 7.62 -33.98
N ASN B 135 32.07 8.28 -32.92
CA ASN B 135 32.15 9.74 -32.80
C ASN B 135 33.54 10.24 -33.16
N LEU B 136 34.54 9.69 -32.47
CA LEU B 136 35.92 10.10 -32.64
C LEU B 136 36.44 9.80 -34.04
N ASN B 137 35.89 8.77 -34.67
CA ASN B 137 36.27 8.41 -36.03
C ASN B 137 35.31 9.01 -37.08
N GLY B 138 34.69 10.14 -36.73
CA GLY B 138 33.87 10.91 -37.67
C GLY B 138 32.81 10.13 -38.42
N GLU B 139 32.13 9.19 -37.75
CA GLU B 139 31.03 8.44 -38.35
C GLU B 139 29.69 9.10 -38.07
N TRP B 140 29.62 9.80 -36.94
CA TRP B 140 28.40 10.46 -36.49
C TRP B 140 28.77 11.45 -35.38
N SER B 141 27.79 12.19 -34.86
CA SER B 141 27.98 13.00 -33.65
C SER B 141 26.79 12.88 -32.69
N ILE B 142 26.74 11.76 -31.98
CA ILE B 142 25.70 11.53 -30.97
C ILE B 142 26.08 12.25 -29.67
N ASN B 143 25.22 13.18 -29.22
CA ASN B 143 25.52 14.00 -28.04
C ASN B 143 25.58 13.20 -26.74
N ASP B 144 24.46 12.59 -26.36
CA ASP B 144 24.46 11.72 -25.19
C ASP B 144 24.60 10.28 -25.67
N VAL B 145 25.83 9.80 -25.66
CA VAL B 145 26.12 8.41 -25.96
C VAL B 145 25.46 7.50 -24.93
N ASN B 146 25.65 7.81 -23.65
CA ASN B 146 25.06 7.03 -22.57
C ASN B 146 23.56 6.74 -22.79
N ALA B 147 22.85 7.73 -23.32
CA ALA B 147 21.42 7.58 -23.61
C ALA B 147 21.19 6.77 -24.88
N VAL B 148 21.72 7.25 -25.99
CA VAL B 148 21.55 6.56 -27.27
C VAL B 148 22.08 5.12 -27.19
N SER B 149 23.07 4.90 -26.34
CA SER B 149 23.58 3.56 -26.09
C SER B 149 22.56 2.75 -25.28
N LYS B 150 22.00 3.35 -24.24
CA LYS B 150 20.95 2.69 -23.43
C LYS B 150 19.73 2.36 -24.30
N ILE B 151 19.43 3.24 -25.26
CA ILE B 151 18.29 3.06 -26.16
C ILE B 151 18.56 1.90 -27.13
N ALA B 152 19.75 1.87 -27.69
CA ALA B 152 20.16 0.81 -28.60
C ALA B 152 20.03 -0.55 -27.93
N ALA B 153 20.66 -0.69 -26.76
CA ALA B 153 20.64 -1.94 -26.01
C ALA B 153 19.23 -2.48 -25.83
N ASN B 154 18.34 -1.64 -25.31
CA ASN B 154 16.97 -2.04 -24.99
C ASN B 154 16.06 -2.20 -26.20
N ALA B 155 16.29 -1.43 -27.25
CA ALA B 155 15.58 -1.63 -28.50
C ALA B 155 15.92 -3.02 -29.02
N VAL B 156 17.20 -3.24 -29.28
CA VAL B 156 17.68 -4.49 -29.89
C VAL B 156 17.21 -5.67 -29.04
N ASN B 157 17.56 -5.65 -27.76
CA ASN B 157 17.16 -6.71 -26.85
C ASN B 157 15.63 -6.90 -26.90
N GLY B 158 14.91 -5.80 -27.11
CA GLY B 158 13.47 -5.84 -27.32
C GLY B 158 13.09 -6.71 -28.49
N ILE B 159 13.74 -6.48 -29.63
CA ILE B 159 13.52 -7.29 -30.83
C ILE B 159 13.91 -8.75 -30.62
N VAL B 160 15.06 -8.99 -30.00
CA VAL B 160 15.56 -10.36 -29.85
C VAL B 160 14.61 -11.23 -29.05
N THR B 161 13.99 -10.65 -28.03
CA THR B 161 13.23 -11.46 -27.08
C THR B 161 11.72 -11.50 -27.35
N PHE B 162 11.17 -10.51 -28.04
CA PHE B 162 9.74 -10.50 -28.35
C PHE B 162 9.48 -10.78 -29.83
N THR B 163 10.29 -11.66 -30.42
CA THR B 163 10.19 -11.96 -31.84
C THR B 163 10.83 -13.31 -32.21
N HIS B 164 10.82 -14.29 -31.30
CA HIS B 164 11.71 -15.46 -31.41
C HIS B 164 11.10 -16.89 -31.50
N GLU B 165 9.85 -16.99 -31.97
CA GLU B 165 9.27 -18.31 -32.27
C GLU B 165 8.89 -18.37 -33.75
N GLN B 166 9.73 -17.74 -34.59
CA GLN B 166 9.46 -17.62 -36.02
C GLN B 166 10.72 -17.93 -36.84
N ASN B 167 10.65 -17.72 -38.16
CA ASN B 167 11.79 -17.92 -39.05
C ASN B 167 13.00 -17.04 -38.68
N ILE B 168 14.15 -17.66 -38.47
CA ILE B 168 15.32 -16.93 -38.01
C ILE B 168 15.93 -16.03 -39.08
N ASN B 169 15.72 -16.38 -40.34
CA ASN B 169 16.21 -15.53 -41.44
C ASN B 169 15.47 -14.22 -41.48
N GLU B 170 14.15 -14.26 -41.27
CA GLU B 170 13.35 -13.04 -41.27
C GLU B 170 13.59 -12.25 -39.99
N ARG B 171 13.88 -12.96 -38.89
CA ARG B 171 14.36 -12.29 -37.68
C ARG B 171 15.59 -11.42 -37.99
N ILE B 172 16.55 -11.94 -38.74
CA ILE B 172 17.71 -11.14 -39.12
C ILE B 172 17.30 -10.03 -40.09
N LYS B 173 16.49 -10.36 -41.07
CA LYS B 173 16.02 -9.37 -42.04
C LYS B 173 15.41 -8.14 -41.33
N LEU B 174 14.60 -8.38 -40.30
CA LEU B 174 14.00 -7.27 -39.55
C LEU B 174 15.08 -6.47 -38.83
N MET B 175 15.94 -7.15 -38.08
CA MET B 175 16.97 -6.48 -37.27
C MET B 175 17.84 -5.58 -38.14
N ASN B 176 18.22 -6.06 -39.31
CA ASN B 176 19.01 -5.26 -40.23
C ASN B 176 18.28 -3.97 -40.59
N LYS B 177 16.97 -4.05 -40.84
CA LYS B 177 16.19 -2.87 -41.21
C LYS B 177 16.14 -1.89 -40.05
N PHE B 178 15.96 -2.39 -38.83
CA PHE B 178 16.08 -1.55 -37.64
C PHE B 178 17.43 -0.86 -37.65
N SER B 179 18.50 -1.66 -37.64
CA SER B 179 19.86 -1.14 -37.57
C SER B 179 20.07 0.00 -38.55
N GLN B 180 19.60 -0.19 -39.78
CA GLN B 180 19.66 0.83 -40.82
C GLN B 180 18.85 2.07 -40.45
N ILE B 181 17.57 1.84 -40.10
CA ILE B 181 16.69 2.93 -39.67
C ILE B 181 17.39 3.72 -38.58
N PHE B 182 17.80 3.01 -37.53
CA PHE B 182 18.38 3.62 -36.36
C PHE B 182 19.59 4.48 -36.69
N LEU B 183 20.51 3.93 -37.49
CA LEU B 183 21.72 4.64 -37.88
C LEU B 183 21.38 5.85 -38.73
N ASN B 184 20.52 5.66 -39.72
CA ASN B 184 20.01 6.79 -40.47
C ASN B 184 19.50 7.87 -39.53
N GLY B 185 18.75 7.43 -38.51
CA GLY B 185 18.20 8.34 -37.52
C GLY B 185 19.20 9.24 -36.82
N LEU B 186 20.40 8.74 -36.58
CA LEU B 186 21.42 9.48 -35.82
C LEU B 186 22.08 10.58 -36.63
N SER B 187 22.02 10.49 -37.96
CA SER B 187 22.53 11.55 -38.83
C SER B 187 22.05 11.33 -40.26
N ASN C 2 4.95 0.82 -7.31
CA ASN C 2 4.45 2.14 -6.84
C ASN C 2 2.93 2.25 -7.00
N LEU C 3 2.31 1.28 -7.70
CA LEU C 3 0.86 1.26 -7.91
C LEU C 3 0.12 0.89 -6.62
N LYS C 4 0.74 0.09 -5.78
CA LYS C 4 0.22 -0.16 -4.43
C LYS C 4 0.31 1.13 -3.63
N ASP C 5 1.51 1.70 -3.56
CA ASP C 5 1.77 2.89 -2.75
C ASP C 5 0.97 4.11 -3.22
N LYS C 6 0.82 4.26 -4.54
CA LYS C 6 -0.02 5.30 -5.11
C LYS C 6 -1.46 5.18 -4.62
N ILE C 7 -2.03 3.97 -4.69
CA ILE C 7 -3.40 3.74 -4.23
C ILE C 7 -3.57 4.16 -2.77
N LEU C 8 -2.68 3.68 -1.90
CA LEU C 8 -2.67 4.10 -0.50
C LEU C 8 -2.61 5.62 -0.38
N GLY C 9 -1.70 6.22 -1.14
CA GLY C 9 -1.49 7.66 -1.08
C GLY C 9 -2.70 8.44 -1.54
N VAL C 10 -3.29 8.02 -2.65
CA VAL C 10 -4.49 8.69 -3.16
C VAL C 10 -5.66 8.42 -2.22
N ALA C 11 -5.77 7.19 -1.73
CA ALA C 11 -6.86 6.82 -0.82
C ALA C 11 -6.79 7.71 0.40
N LYS C 12 -5.61 7.86 0.98
CA LYS C 12 -5.43 8.70 2.15
C LYS C 12 -6.02 10.09 1.90
N GLU C 13 -5.46 10.81 0.93
CA GLU C 13 -5.90 12.17 0.68
CA GLU C 13 -5.89 12.18 0.65
C GLU C 13 -7.37 12.24 0.30
N LEU C 14 -7.90 11.16 -0.29
CA LEU C 14 -9.33 11.07 -0.58
C LEU C 14 -10.15 10.98 0.70
N PHE C 15 -9.75 10.06 1.58
CA PHE C 15 -10.39 9.91 2.87
C PHE C 15 -10.37 11.23 3.67
N ILE C 16 -9.22 11.90 3.69
CA ILE C 16 -9.07 13.15 4.45
C ILE C 16 -10.08 14.18 3.99
N LYS C 17 -10.18 14.36 2.67
CA LYS C 17 -11.08 15.37 2.11
C LYS C 17 -12.55 14.97 2.29
N ASN C 18 -12.87 13.70 2.07
CA ASN C 18 -14.27 13.27 1.93
C ASN C 18 -14.82 12.36 3.04
N GLY C 19 -13.97 11.78 3.87
CA GLY C 19 -14.44 10.87 4.93
C GLY C 19 -14.58 9.43 4.45
N TYR C 20 -14.68 8.47 5.39
CA TYR C 20 -14.60 7.05 5.03
C TYR C 20 -15.78 6.62 4.19
N ASN C 21 -16.98 6.86 4.71
CA ASN C 21 -18.19 6.39 4.06
C ASN C 21 -18.38 6.98 2.66
N ALA C 22 -17.91 8.20 2.46
CA ALA C 22 -18.10 8.91 1.19
C ALA C 22 -17.14 8.42 0.11
N THR C 23 -15.88 8.25 0.45
CA THR C 23 -14.87 7.84 -0.52
C THR C 23 -15.23 6.49 -1.12
N THR C 24 -15.29 6.42 -2.45
CA THR C 24 -15.66 5.18 -3.14
C THR C 24 -14.46 4.51 -3.79
N THR C 25 -14.54 3.19 -3.95
CA THR C 25 -13.52 2.39 -4.60
C THR C 25 -13.26 2.87 -6.04
N GLY C 26 -14.32 3.23 -6.74
CA GLY C 26 -14.18 3.75 -8.09
C GLY C 26 -13.30 4.99 -8.14
N GLU C 27 -13.48 5.88 -7.17
CA GLU C 27 -12.67 7.08 -7.05
C GLU C 27 -11.21 6.70 -6.84
N ILE C 28 -10.98 5.82 -5.88
CA ILE C 28 -9.62 5.36 -5.59
C ILE C 28 -9.02 4.72 -6.84
N VAL C 29 -9.81 3.91 -7.53
CA VAL C 29 -9.33 3.21 -8.71
C VAL C 29 -8.88 4.19 -9.78
N LYS C 30 -9.79 5.08 -10.16
CA LYS C 30 -9.53 5.99 -11.25
C LYS C 30 -8.39 6.96 -10.93
N LEU C 31 -8.43 7.60 -9.76
CA LEU C 31 -7.44 8.64 -9.43
C LEU C 31 -6.00 8.14 -9.31
N SER C 32 -5.84 6.86 -8.96
CA SER C 32 -4.51 6.25 -8.89
C SER C 32 -4.15 5.58 -10.21
N GLU C 33 -5.04 5.72 -11.20
CA GLU C 33 -4.89 5.13 -12.54
C GLU C 33 -4.70 3.62 -12.51
N SER C 34 -5.46 2.97 -11.64
CA SER C 34 -5.33 1.55 -11.43
C SER C 34 -6.57 0.81 -11.94
N SER C 35 -7.02 -0.20 -11.20
CA SER C 35 -8.16 -1.01 -11.61
C SER C 35 -8.72 -1.76 -10.42
N LYS C 36 -10.05 -1.95 -10.40
CA LYS C 36 -10.71 -2.68 -9.31
C LYS C 36 -10.01 -4.02 -8.99
N GLY C 37 -9.58 -4.73 -10.04
CA GLY C 37 -8.82 -5.95 -9.89
C GLY C 37 -7.59 -5.76 -9.02
N ASN C 38 -6.73 -4.80 -9.39
CA ASN C 38 -5.49 -4.57 -8.66
C ASN C 38 -5.74 -4.13 -7.21
N LEU C 39 -6.89 -3.49 -7.00
CA LEU C 39 -7.33 -3.13 -5.66
C LEU C 39 -7.71 -4.40 -4.90
N TYR C 40 -8.55 -5.24 -5.49
CA TYR C 40 -8.98 -6.47 -4.83
C TYR C 40 -7.78 -7.34 -4.53
N TYR C 41 -6.81 -7.36 -5.44
CA TYR C 41 -5.62 -8.20 -5.28
C TYR C 41 -4.82 -7.80 -4.06
N HIS C 42 -4.64 -6.50 -3.85
CA HIS C 42 -3.82 -6.03 -2.74
C HIS C 42 -4.59 -5.96 -1.44
N PHE C 43 -5.83 -5.51 -1.51
CA PHE C 43 -6.58 -5.15 -0.30
C PHE C 43 -7.84 -5.96 -0.05
N LYS C 44 -8.47 -6.45 -1.12
CA LYS C 44 -9.75 -7.17 -1.05
C LYS C 44 -10.91 -6.19 -0.86
N THR C 45 -10.92 -5.49 0.27
CA THR C 45 -12.01 -4.59 0.59
C THR C 45 -11.50 -3.18 0.94
N LYS C 46 -12.42 -2.23 0.90
CA LYS C 46 -12.15 -0.86 1.31
C LYS C 46 -11.89 -0.84 2.81
N GLU C 47 -12.62 -1.69 3.52
CA GLU C 47 -12.42 -1.97 4.94
C GLU C 47 -10.96 -2.26 5.29
N ASN C 48 -10.34 -3.11 4.47
CA ASN C 48 -8.96 -3.53 4.70
C ASN C 48 -8.00 -2.46 4.24
N LEU C 49 -8.23 -1.94 3.04
CA LEU C 49 -7.39 -0.88 2.51
C LEU C 49 -7.17 0.19 3.56
N PHE C 50 -8.26 0.60 4.21
CA PHE C 50 -8.18 1.62 5.24
C PHE C 50 -7.25 1.21 6.37
N LEU C 51 -7.32 -0.04 6.81
CA LEU C 51 -6.43 -0.51 7.88
C LEU C 51 -4.95 -0.38 7.50
N GLU C 52 -4.64 -0.63 6.23
CA GLU C 52 -3.25 -0.55 5.78
C GLU C 52 -2.74 0.88 5.86
N ILE C 53 -3.57 1.85 5.47
CA ILE C 53 -3.27 3.27 5.68
C ILE C 53 -3.00 3.52 7.16
N LEU C 54 -3.93 3.12 8.01
CA LEU C 54 -3.77 3.27 9.45
C LEU C 54 -2.47 2.63 9.98
N ASN C 55 -2.01 1.56 9.35
CA ASN C 55 -0.74 0.96 9.73
C ASN C 55 0.47 1.73 9.20
N ILE C 56 0.35 2.28 8.00
CA ILE C 56 1.41 3.15 7.45
C ILE C 56 1.62 4.35 8.36
N GLU C 57 0.52 4.96 8.80
CA GLU C 57 0.55 6.15 9.65
C GLU C 57 1.14 5.83 11.00
N GLU C 58 0.73 4.70 11.55
CA GLU C 58 1.30 4.18 12.79
C GLU C 58 2.83 4.18 12.78
N SER C 59 3.40 3.69 11.69
CA SER C 59 4.84 3.61 11.56
C SER C 59 5.47 4.99 11.40
N LYS C 60 4.77 5.89 10.71
CA LYS C 60 5.23 7.27 10.58
C LYS C 60 5.27 7.90 11.96
N TRP C 61 4.35 7.51 12.83
CA TRP C 61 4.29 8.05 14.18
C TRP C 61 5.48 7.62 15.01
N GLN C 62 5.72 6.32 15.03
CA GLN C 62 6.86 5.77 15.77
C GLN C 62 8.16 6.37 15.23
N GLU C 63 8.24 6.53 13.91
CA GLU C 63 9.36 7.23 13.29
C GLU C 63 9.48 8.65 13.83
N GLN C 64 8.35 9.36 13.89
CA GLN C 64 8.31 10.73 14.39
C GLN C 64 8.73 10.80 15.85
N TRP C 65 8.18 9.90 16.65
CA TRP C 65 8.49 9.84 18.06
C TRP C 65 9.98 9.64 18.34
N LYS C 66 10.56 8.61 17.73
CA LYS C 66 11.99 8.28 17.85
C LYS C 66 12.89 9.52 17.68
N SER C 67 12.50 10.42 16.79
CA SER C 67 13.21 11.68 16.57
C SER C 67 12.94 12.71 17.66
N GLU C 68 11.67 12.84 18.03
CA GLU C 68 11.25 13.88 18.97
C GLU C 68 11.74 13.59 20.38
N GLN C 69 11.82 12.30 20.73
CA GLN C 69 12.17 11.89 22.09
C GLN C 69 13.65 12.11 22.48
N ILE C 70 14.49 12.45 21.50
CA ILE C 70 15.84 12.92 21.79
C ILE C 70 15.80 14.17 22.68
N LYS C 71 14.79 15.01 22.47
CA LYS C 71 14.58 16.20 23.32
C LYS C 71 14.43 15.86 24.80
N ALA C 72 13.86 14.71 25.13
CA ALA C 72 13.62 14.33 26.52
C ALA C 72 14.71 13.37 27.01
N LYS C 73 15.52 13.84 27.97
CA LYS C 73 16.66 13.06 28.45
C LYS C 73 16.18 11.87 29.26
N THR C 74 15.51 12.12 30.38
CA THR C 74 15.10 11.03 31.27
C THR C 74 13.76 10.44 30.85
N ASN C 75 13.50 9.22 31.29
CA ASN C 75 12.24 8.53 30.99
C ASN C 75 11.04 9.25 31.60
N ARG C 76 11.27 9.94 32.72
CA ARG C 76 10.25 10.82 33.31
C ARG C 76 9.89 11.92 32.32
N GLU C 77 10.91 12.53 31.75
CA GLU C 77 10.69 13.59 30.79
C GLU C 77 9.97 13.04 29.55
N LYS C 78 10.38 11.85 29.11
CA LYS C 78 9.78 11.23 27.92
C LYS C 78 8.26 11.07 28.10
N PHE C 79 7.88 10.46 29.22
CA PHE C 79 6.47 10.27 29.56
C PHE C 79 5.67 11.57 29.50
N TYR C 80 6.25 12.64 30.03
CA TYR C 80 5.59 13.95 29.95
C TYR C 80 5.38 14.37 28.51
N LEU C 81 6.42 14.21 27.69
CA LEU C 81 6.45 14.75 26.33
C LEU C 81 5.53 13.98 25.42
N TYR C 82 5.52 12.67 25.57
CA TYR C 82 4.70 11.81 24.72
C TYR C 82 3.23 12.12 24.89
N ASN C 83 2.80 12.22 26.14
CA ASN C 83 1.43 12.59 26.46
C ASN C 83 1.06 13.96 25.92
N GLU C 84 2.02 14.89 25.89
CA GLU C 84 1.78 16.20 25.28
C GLU C 84 1.61 16.07 23.78
N LEU C 85 2.50 15.31 23.15
CA LEU C 85 2.49 15.19 21.69
C LEU C 85 1.16 14.61 21.24
N SER C 86 0.66 13.64 22.00
CA SER C 86 -0.60 13.01 21.71
C SER C 86 -1.72 14.02 21.77
N LEU C 87 -1.67 14.88 22.79
CA LEU C 87 -2.69 15.92 22.95
C LEU C 87 -2.68 16.93 21.80
N THR C 88 -1.50 17.37 21.38
CA THR C 88 -1.36 18.41 20.34
C THR C 88 -1.82 17.91 18.97
N THR C 89 -1.34 16.72 18.62
CA THR C 89 -1.85 15.93 17.49
C THR C 89 -3.33 16.09 17.14
N GLU C 90 -4.22 15.76 18.08
CA GLU C 90 -5.65 15.69 17.78
C GLU C 90 -6.16 16.93 17.07
N TYR C 91 -5.61 18.09 17.41
CA TYR C 91 -6.01 19.36 16.80
C TYR C 91 -5.83 19.44 15.27
N TYR C 92 -4.81 18.78 14.73
CA TYR C 92 -4.53 18.92 13.30
C TYR C 92 -4.35 17.63 12.50
N TYR C 93 -4.61 16.48 13.12
CA TYR C 93 -4.48 15.22 12.38
C TYR C 93 -5.72 15.07 11.52
N PRO C 94 -5.55 15.01 10.18
CA PRO C 94 -6.73 15.07 9.32
C PRO C 94 -7.51 13.75 9.25
N LEU C 95 -6.82 12.62 9.28
CA LEU C 95 -7.49 11.32 9.23
C LEU C 95 -8.33 11.10 10.46
N GLN C 96 -8.05 11.86 11.51
CA GLN C 96 -8.85 11.90 12.74
C GLN C 96 -10.33 11.59 12.53
N ASN C 97 -10.97 12.36 11.66
CA ASN C 97 -12.42 12.27 11.46
C ASN C 97 -12.83 11.00 10.72
N ALA C 98 -12.03 10.61 9.73
CA ALA C 98 -12.26 9.38 8.98
C ALA C 98 -12.05 8.14 9.84
N ILE C 99 -11.21 8.26 10.87
CA ILE C 99 -10.95 7.16 11.81
C ILE C 99 -12.16 6.90 12.70
N ILE C 100 -12.78 7.98 13.18
CA ILE C 100 -13.97 7.87 14.05
C ILE C 100 -15.12 7.20 13.28
N GLU C 101 -15.30 7.60 12.02
CA GLU C 101 -16.29 6.95 11.15
C GLU C 101 -16.05 5.44 11.12
N PHE C 102 -14.86 5.06 10.69
CA PHE C 102 -14.49 3.66 10.49
C PHE C 102 -14.60 2.86 11.78
N TYR C 103 -13.99 3.38 12.83
CA TYR C 103 -13.96 2.75 14.15
C TYR C 103 -15.37 2.39 14.63
N THR C 104 -16.32 3.29 14.42
CA THR C 104 -17.70 3.08 14.86
C THR C 104 -18.55 2.27 13.88
N GLU C 105 -18.12 2.22 12.62
CA GLU C 105 -18.88 1.52 11.59
C GLU C 105 -18.55 0.01 11.56
N TYR C 106 -17.47 -0.43 12.23
CA TYR C 106 -17.02 -1.82 12.16
C TYR C 106 -16.75 -2.59 13.48
N TYR C 107 -16.61 -1.89 14.60
CA TYR C 107 -16.34 -2.58 15.88
C TYR C 107 -17.57 -3.37 16.36
N THR C 109 -18.29 -6.42 14.21
CA THR C 109 -17.49 -7.43 13.52
C THR C 109 -16.20 -7.76 14.29
N ASN C 110 -16.12 -8.98 14.83
CA ASN C 110 -14.93 -9.41 15.58
C ASN C 110 -13.68 -9.60 14.69
N SER C 111 -13.89 -9.66 13.38
CA SER C 111 -12.80 -9.84 12.41
C SER C 111 -12.01 -8.55 12.24
N ILE C 112 -12.72 -7.48 11.89
CA ILE C 112 -12.13 -6.15 11.70
C ILE C 112 -11.58 -5.61 13.02
N ASN C 113 -12.30 -5.87 14.12
CA ASN C 113 -11.87 -5.44 15.45
C ASN C 113 -10.55 -6.08 15.89
N GLU C 114 -10.27 -7.29 15.39
CA GLU C 114 -9.03 -8.00 15.68
C GLU C 114 -7.81 -7.15 15.35
N LYS C 115 -7.75 -6.70 14.11
CA LYS C 115 -6.60 -5.95 13.61
C LYS C 115 -6.55 -4.54 14.19
N MET C 116 -7.71 -3.96 14.51
CA MET C 116 -7.74 -2.66 15.17
C MET C 116 -7.09 -2.73 16.55
N ASN C 117 -7.30 -3.83 17.26
CA ASN C 117 -6.62 -4.00 18.54
C ASN C 117 -5.11 -4.12 18.35
N LYS C 118 -4.68 -5.05 17.49
CA LYS C 118 -3.27 -5.22 17.16
C LYS C 118 -2.58 -3.89 16.80
N LEU C 119 -3.36 -2.96 16.25
CA LEU C 119 -2.86 -1.66 15.82
C LEU C 119 -2.62 -0.70 16.99
N GLN C 120 -3.39 -0.88 18.06
CA GLN C 120 -3.21 -0.04 19.23
C GLN C 120 -2.06 -0.56 20.09
N ASN C 121 -1.76 -1.85 19.96
CA ASN C 121 -0.66 -2.46 20.71
C ASN C 121 0.69 -1.85 20.33
N LYS C 122 0.82 -1.40 19.09
CA LYS C 122 2.01 -0.67 18.70
C LYS C 122 2.09 0.66 19.44
N TYR C 123 0.95 1.33 19.58
CA TYR C 123 0.87 2.60 20.33
C TYR C 123 1.16 2.43 21.81
N ILE C 124 0.73 1.30 22.37
CA ILE C 124 0.99 0.99 23.76
C ILE C 124 2.47 0.66 23.96
N ASP C 125 3.08 0.00 22.98
CA ASP C 125 4.49 -0.38 23.08
C ASP C 125 5.40 0.81 23.35
N ALA C 126 4.95 2.01 23.00
CA ALA C 126 5.72 3.23 23.29
C ALA C 126 5.91 3.38 24.80
N TYR C 127 4.82 3.35 25.56
CA TYR C 127 4.89 3.39 27.03
C TYR C 127 5.71 2.22 27.57
N HIS C 128 5.38 1.03 27.10
CA HIS C 128 6.07 -0.18 27.53
C HIS C 128 7.57 0.04 27.57
N VAL C 129 8.11 0.75 26.58
CA VAL C 129 9.53 1.06 26.57
C VAL C 129 9.89 2.07 27.64
N ILE C 130 9.12 3.16 27.71
CA ILE C 130 9.43 4.24 28.65
C ILE C 130 9.48 3.66 30.05
N PHE C 131 8.41 2.96 30.43
CA PHE C 131 8.33 2.35 31.76
C PHE C 131 9.46 1.35 31.99
N LYS C 132 9.69 0.45 31.03
CA LYS C 132 10.77 -0.53 31.14
C LYS C 132 12.12 0.16 31.37
N GLU C 133 12.42 1.15 30.54
CA GLU C 133 13.71 1.81 30.59
C GLU C 133 13.89 2.64 31.86
N GLY C 134 12.79 3.21 32.35
CA GLY C 134 12.81 3.89 33.65
C GLY C 134 13.15 2.98 34.82
N ASN C 135 12.66 1.73 34.77
CA ASN C 135 13.04 0.70 35.75
C ASN C 135 14.55 0.47 35.80
N LEU C 136 15.17 0.33 34.62
CA LEU C 136 16.59 -0.01 34.53
C LEU C 136 17.52 1.12 34.97
N ASN C 137 17.13 2.37 34.71
CA ASN C 137 17.87 3.53 35.22
C ASN C 137 17.46 3.88 36.65
N GLY C 138 16.44 3.21 37.17
CA GLY C 138 15.97 3.46 38.52
C GLY C 138 15.31 4.81 38.67
N GLU C 139 14.35 5.10 37.80
CA GLU C 139 13.48 6.28 37.98
C GLU C 139 12.21 5.88 38.73
N TRP C 140 11.87 4.59 38.70
CA TRP C 140 10.71 4.09 39.42
C TRP C 140 10.77 2.58 39.59
N SER C 141 9.84 2.06 40.39
CA SER C 141 9.70 0.61 40.56
C SER C 141 8.32 0.18 40.05
N ILE C 142 8.31 -0.48 38.90
CA ILE C 142 7.08 -1.02 38.35
C ILE C 142 7.31 -2.50 38.12
N ASN C 143 6.72 -3.32 38.97
CA ASN C 143 6.83 -4.77 38.84
C ASN C 143 5.70 -5.34 37.97
N ASP C 144 5.20 -4.52 37.03
CA ASP C 144 4.05 -4.87 36.20
C ASP C 144 3.90 -3.87 35.02
N VAL C 145 4.94 -3.79 34.21
CA VAL C 145 5.05 -2.76 33.18
C VAL C 145 3.99 -2.86 32.10
N ASN C 146 3.49 -4.06 31.81
CA ASN C 146 2.50 -4.24 30.72
C ASN C 146 1.12 -3.65 31.05
N ALA C 147 0.67 -3.80 32.29
CA ALA C 147 -0.62 -3.27 32.71
C ALA C 147 -0.57 -1.75 32.77
N VAL C 148 0.37 -1.24 33.57
CA VAL C 148 0.56 0.20 33.72
C VAL C 148 0.72 0.88 32.36
N SER C 149 1.31 0.18 31.40
CA SER C 149 1.35 0.67 30.01
C SER C 149 -0.04 0.77 29.40
N LYS C 150 -0.83 -0.30 29.53
CA LYS C 150 -2.20 -0.31 29.01
C LYS C 150 -3.02 0.84 29.60
N ILE C 151 -2.89 1.03 30.92
CA ILE C 151 -3.61 2.07 31.64
C ILE C 151 -3.22 3.47 31.17
N ALA C 152 -1.92 3.75 31.20
CA ALA C 152 -1.41 5.06 30.79
C ALA C 152 -1.91 5.41 29.39
N ALA C 153 -1.81 4.45 28.47
CA ALA C 153 -2.25 4.65 27.10
C ALA C 153 -3.68 5.14 27.05
N ASN C 154 -4.59 4.40 27.68
CA ASN C 154 -6.00 4.73 27.63
C ASN C 154 -6.39 5.91 28.51
N ALA C 155 -5.64 6.14 29.58
CA ALA C 155 -5.86 7.32 30.39
C ALA C 155 -5.58 8.55 29.53
N VAL C 156 -4.40 8.60 28.91
CA VAL C 156 -4.05 9.73 28.06
C VAL C 156 -5.10 9.90 26.95
N ASN C 157 -5.37 8.84 26.19
CA ASN C 157 -6.35 8.90 25.09
C ASN C 157 -7.72 9.43 25.52
N GLY C 158 -8.12 9.10 26.75
CA GLY C 158 -9.36 9.62 27.31
C GLY C 158 -9.30 11.11 27.54
N ILE C 159 -8.18 11.58 28.07
CA ILE C 159 -8.00 13.02 28.32
C ILE C 159 -7.98 13.80 27.01
N VAL C 160 -7.22 13.29 26.04
CA VAL C 160 -7.20 13.88 24.72
C VAL C 160 -8.61 13.96 24.16
N THR C 161 -9.29 12.82 24.09
CA THR C 161 -10.56 12.71 23.35
C THR C 161 -11.78 13.36 24.01
N PHE C 162 -11.92 13.28 25.32
CA PHE C 162 -13.14 13.74 26.00
C PHE C 162 -13.04 15.15 26.60
N THR C 163 -12.11 15.95 26.09
CA THR C 163 -11.90 17.29 26.61
C THR C 163 -11.86 18.29 25.46
N HIS C 164 -12.88 18.24 24.60
CA HIS C 164 -12.90 19.05 23.37
C HIS C 164 -13.66 20.39 23.55
N GLU C 165 -13.58 20.97 24.75
CA GLU C 165 -14.27 22.24 25.04
C GLU C 165 -13.31 23.40 25.34
N GLN C 166 -12.25 23.12 26.09
CA GLN C 166 -11.34 24.17 26.55
C GLN C 166 -10.35 24.62 25.47
N ASN C 167 -9.80 25.82 25.66
CA ASN C 167 -8.69 26.31 24.87
C ASN C 167 -7.43 25.49 25.09
N ILE C 168 -6.61 25.38 24.05
CA ILE C 168 -5.45 24.49 24.05
C ILE C 168 -4.50 24.73 25.22
N ASN C 169 -4.40 25.97 25.69
CA ASN C 169 -3.52 26.28 26.82
C ASN C 169 -3.86 25.47 28.05
N GLU C 170 -5.15 25.51 28.41
CA GLU C 170 -5.70 24.83 29.58
C GLU C 170 -5.51 23.31 29.52
N ARG C 171 -5.68 22.75 28.32
CA ARG C 171 -5.68 21.31 28.11
C ARG C 171 -4.30 20.71 28.23
N ILE C 172 -3.28 21.47 27.82
CA ILE C 172 -1.90 21.07 28.03
C ILE C 172 -1.57 21.17 29.52
N LYS C 173 -2.13 22.18 30.19
CA LYS C 173 -1.96 22.35 31.63
C LYS C 173 -2.53 21.15 32.41
N LEU C 174 -3.71 20.68 31.99
CA LEU C 174 -4.35 19.50 32.59
C LEU C 174 -3.52 18.25 32.36
N MET C 175 -3.18 18.00 31.10
CA MET C 175 -2.49 16.78 30.70
C MET C 175 -1.19 16.65 31.47
N ASN C 176 -0.48 17.74 31.64
CA ASN C 176 0.77 17.72 32.40
C ASN C 176 0.54 17.47 33.89
N LYS C 177 -0.58 17.98 34.41
CA LYS C 177 -0.98 17.74 35.81
C LYS C 177 -1.33 16.28 36.01
N PHE C 178 -1.94 15.67 34.99
CA PHE C 178 -2.19 14.23 35.03
C PHE C 178 -0.88 13.49 35.01
N SER C 179 -0.04 13.83 34.04
CA SER C 179 1.25 13.19 33.92
C SER C 179 1.98 13.30 35.24
N GLN C 180 1.80 14.42 35.94
CA GLN C 180 2.47 14.61 37.23
C GLN C 180 1.91 13.66 38.30
N ILE C 181 0.59 13.66 38.46
CA ILE C 181 -0.09 12.83 39.45
C ILE C 181 0.20 11.36 39.23
N PHE C 182 -0.01 10.91 38.00
CA PHE C 182 0.13 9.52 37.65
C PHE C 182 1.54 9.07 37.96
N LEU C 183 2.49 9.73 37.32
CA LEU C 183 3.88 9.34 37.41
C LEU C 183 4.34 9.36 38.87
N ASN C 184 3.86 10.34 39.62
CA ASN C 184 4.18 10.49 41.03
C ASN C 184 3.75 9.27 41.83
N GLY C 185 2.52 8.80 41.60
CA GLY C 185 2.00 7.66 42.34
C GLY C 185 2.45 6.30 41.82
N LEU C 186 3.74 6.14 41.53
CA LEU C 186 4.31 4.83 41.16
C LEU C 186 5.35 4.34 42.19
N SER C 187 5.56 5.12 43.25
CA SER C 187 6.56 4.83 44.27
C SER C 187 5.90 4.52 45.61
N ASN D 2 -19.19 -11.62 -8.04
CA ASN D 2 -18.35 -11.56 -9.27
C ASN D 2 -17.06 -12.33 -9.06
N LEU D 3 -17.18 -13.63 -8.78
CA LEU D 3 -16.01 -14.51 -8.66
C LEU D 3 -15.26 -14.67 -9.99
N LYS D 4 -15.93 -14.40 -11.11
CA LYS D 4 -15.27 -14.40 -12.42
C LYS D 4 -14.27 -13.24 -12.51
N ASP D 5 -14.72 -12.03 -12.17
CA ASP D 5 -13.86 -10.84 -12.18
C ASP D 5 -12.80 -10.89 -11.09
N LYS D 6 -13.09 -11.58 -9.98
CA LYS D 6 -12.09 -11.80 -8.93
C LYS D 6 -10.99 -12.74 -9.42
N ILE D 7 -11.36 -13.81 -10.09
CA ILE D 7 -10.38 -14.74 -10.65
C ILE D 7 -9.55 -14.03 -11.72
N LEU D 8 -10.22 -13.25 -12.56
CA LEU D 8 -9.53 -12.44 -13.58
C LEU D 8 -8.61 -11.41 -12.93
N GLY D 9 -9.14 -10.69 -11.95
CA GLY D 9 -8.37 -9.68 -11.22
C GLY D 9 -7.09 -10.25 -10.65
N VAL D 10 -7.23 -11.26 -9.79
CA VAL D 10 -6.09 -11.87 -9.11
C VAL D 10 -5.19 -12.65 -10.07
N ALA D 11 -5.76 -13.20 -11.15
CA ALA D 11 -4.93 -13.88 -12.15
C ALA D 11 -3.94 -12.90 -12.78
N LYS D 12 -4.48 -11.80 -13.29
CA LYS D 12 -3.69 -10.78 -14.01
C LYS D 12 -2.48 -10.36 -13.21
N GLU D 13 -2.70 -10.00 -11.95
CA GLU D 13 -1.65 -9.48 -11.09
C GLU D 13 -0.56 -10.53 -10.85
N LEU D 14 -0.99 -11.77 -10.57
CA LEU D 14 -0.05 -12.85 -10.33
C LEU D 14 0.79 -13.18 -11.57
N PHE D 15 0.23 -12.98 -12.76
CA PHE D 15 0.97 -13.21 -13.99
C PHE D 15 2.02 -12.14 -14.23
N ILE D 16 1.75 -10.91 -13.79
CA ILE D 16 2.70 -9.81 -13.97
C ILE D 16 3.89 -10.00 -13.04
N LYS D 17 3.60 -10.43 -11.81
CA LYS D 17 4.64 -10.62 -10.79
C LYS D 17 5.45 -11.91 -11.00
N ASN D 18 4.78 -12.99 -11.39
CA ASN D 18 5.42 -14.32 -11.46
C ASN D 18 5.74 -14.83 -12.86
N GLY D 19 5.16 -14.22 -13.89
CA GLY D 19 5.23 -14.79 -15.23
C GLY D 19 4.21 -15.92 -15.31
N TYR D 20 4.22 -16.66 -16.41
CA TYR D 20 3.16 -17.65 -16.67
C TYR D 20 3.34 -18.93 -15.86
N ASN D 21 4.52 -19.53 -15.98
CA ASN D 21 4.73 -20.86 -15.41
C ASN D 21 4.53 -20.91 -13.91
N ALA D 22 5.14 -19.96 -13.19
CA ALA D 22 5.09 -19.97 -11.73
C ALA D 22 3.72 -19.59 -11.16
N THR D 23 2.84 -19.06 -11.99
CA THR D 23 1.48 -18.75 -11.55
C THR D 23 0.64 -20.03 -11.55
N THR D 24 0.37 -20.55 -10.36
CA THR D 24 -0.39 -21.77 -10.22
C THR D 24 -1.88 -21.47 -10.02
N THR D 25 -2.72 -22.38 -10.52
CA THR D 25 -4.16 -22.19 -10.47
C THR D 25 -4.71 -22.23 -9.05
N GLY D 26 -4.02 -22.96 -8.17
CA GLY D 26 -4.38 -23.02 -6.75
C GLY D 26 -4.12 -21.71 -6.04
N GLU D 27 -2.93 -21.14 -6.27
CA GLU D 27 -2.59 -19.83 -5.74
C GLU D 27 -3.64 -18.80 -6.14
N ILE D 28 -3.89 -18.67 -7.44
CA ILE D 28 -4.97 -17.81 -7.94
C ILE D 28 -6.23 -17.98 -7.08
N VAL D 29 -6.63 -19.22 -6.86
CA VAL D 29 -7.82 -19.54 -6.06
C VAL D 29 -7.66 -19.15 -4.60
N LYS D 30 -6.47 -19.38 -4.04
CA LYS D 30 -6.21 -19.03 -2.64
C LYS D 30 -6.30 -17.52 -2.42
N LEU D 31 -5.62 -16.76 -3.28
CA LEU D 31 -5.64 -15.30 -3.20
C LEU D 31 -6.98 -14.70 -3.63
N SER D 32 -7.80 -15.47 -4.33
CA SER D 32 -9.04 -14.98 -4.92
C SER D 32 -10.30 -15.31 -4.10
N GLU D 33 -10.13 -15.87 -2.91
CA GLU D 33 -11.26 -16.32 -2.08
C GLU D 33 -12.28 -17.14 -2.90
N SER D 34 -11.84 -18.33 -3.31
CA SER D 34 -12.59 -19.16 -4.26
C SER D 34 -12.11 -20.61 -4.13
N SER D 35 -12.49 -21.44 -5.09
CA SER D 35 -12.03 -22.84 -5.12
C SER D 35 -11.71 -23.22 -6.55
N LYS D 36 -10.75 -24.14 -6.71
CA LYS D 36 -10.41 -24.67 -8.04
C LYS D 36 -11.68 -25.09 -8.77
N GLY D 37 -12.58 -25.76 -8.05
CA GLY D 37 -13.87 -26.13 -8.59
C GLY D 37 -14.52 -25.01 -9.37
N ASN D 38 -14.67 -23.85 -8.73
CA ASN D 38 -15.34 -22.70 -9.34
C ASN D 38 -14.58 -22.15 -10.53
N LEU D 39 -13.27 -21.95 -10.34
CA LEU D 39 -12.38 -21.46 -11.40
C LEU D 39 -12.60 -22.24 -12.68
N TYR D 40 -12.53 -23.58 -12.58
CA TYR D 40 -12.58 -24.46 -13.75
C TYR D 40 -13.93 -24.48 -14.48
N TYR D 41 -15.02 -24.16 -13.79
CA TYR D 41 -16.33 -24.03 -14.46
C TYR D 41 -16.36 -22.84 -15.41
N HIS D 42 -15.80 -21.70 -14.97
CA HIS D 42 -15.84 -20.47 -15.75
C HIS D 42 -14.78 -20.47 -16.85
N PHE D 43 -13.68 -21.18 -16.63
CA PHE D 43 -12.63 -21.31 -17.64
C PHE D 43 -12.19 -22.77 -17.71
N LYS D 44 -12.14 -23.33 -18.91
CA LYS D 44 -11.79 -24.74 -19.06
C LYS D 44 -10.40 -25.02 -18.46
N THR D 45 -9.42 -24.20 -18.84
CA THR D 45 -8.02 -24.42 -18.45
C THR D 45 -7.30 -23.10 -18.13
N LYS D 46 -6.06 -23.21 -17.65
CA LYS D 46 -5.26 -22.04 -17.30
C LYS D 46 -4.85 -21.26 -18.54
N GLU D 47 -4.45 -21.97 -19.59
CA GLU D 47 -4.10 -21.32 -20.85
C GLU D 47 -5.29 -20.54 -21.39
N ASN D 48 -6.47 -21.14 -21.29
CA ASN D 48 -7.71 -20.48 -21.71
C ASN D 48 -8.01 -19.25 -20.85
N LEU D 49 -7.94 -19.40 -19.53
CA LEU D 49 -8.07 -18.27 -18.60
C LEU D 49 -7.09 -17.18 -18.99
N PHE D 50 -5.84 -17.58 -19.20
CA PHE D 50 -4.81 -16.61 -19.53
C PHE D 50 -5.14 -15.90 -20.83
N LEU D 51 -5.75 -16.60 -21.79
CA LEU D 51 -6.15 -15.98 -23.05
C LEU D 51 -7.22 -14.91 -22.87
N GLU D 52 -8.23 -15.21 -22.07
CA GLU D 52 -9.31 -14.26 -21.84
C GLU D 52 -8.76 -12.97 -21.23
N ILE D 53 -7.72 -13.06 -20.41
CA ILE D 53 -7.08 -11.87 -19.87
C ILE D 53 -6.49 -11.01 -20.99
N LEU D 54 -5.72 -11.65 -21.87
CA LEU D 54 -5.09 -10.94 -22.98
C LEU D 54 -6.15 -10.24 -23.82
N ASN D 55 -7.28 -10.89 -24.03
CA ASN D 55 -8.37 -10.30 -24.80
C ASN D 55 -8.93 -9.03 -24.16
N ILE D 56 -8.96 -9.00 -22.83
CA ILE D 56 -9.37 -7.78 -22.12
C ILE D 56 -8.24 -6.76 -22.24
N GLU D 57 -7.04 -7.16 -21.85
CA GLU D 57 -5.93 -6.24 -21.84
C GLU D 57 -5.82 -5.51 -23.17
N GLU D 58 -5.65 -6.26 -24.26
CA GLU D 58 -5.50 -5.66 -25.60
C GLU D 58 -6.71 -4.82 -25.98
N SER D 59 -7.88 -5.23 -25.50
CA SER D 59 -9.11 -4.48 -25.75
C SER D 59 -9.07 -3.12 -25.06
N LYS D 60 -8.90 -3.14 -23.74
CA LYS D 60 -8.85 -1.92 -22.93
C LYS D 60 -7.79 -0.95 -23.48
N TRP D 61 -6.65 -1.49 -23.89
CA TRP D 61 -5.61 -0.70 -24.54
C TRP D 61 -6.15 -0.02 -25.78
N GLN D 62 -6.85 -0.78 -26.62
CA GLN D 62 -7.43 -0.24 -27.86
C GLN D 62 -8.32 0.97 -27.57
N GLU D 63 -9.18 0.86 -26.56
CA GLU D 63 -10.07 1.98 -26.20
C GLU D 63 -9.30 3.14 -25.59
N GLN D 64 -8.25 2.84 -24.82
CA GLN D 64 -7.40 3.88 -24.25
C GLN D 64 -6.76 4.71 -25.35
N TRP D 65 -6.39 4.05 -26.44
CA TRP D 65 -5.70 4.70 -27.55
C TRP D 65 -6.67 5.42 -28.49
N LYS D 66 -7.91 4.94 -28.57
CA LYS D 66 -8.95 5.64 -29.35
C LYS D 66 -9.19 7.02 -28.76
N SER D 67 -9.19 7.11 -27.43
CA SER D 67 -9.36 8.39 -26.74
C SER D 67 -8.13 9.25 -26.90
N GLU D 68 -6.98 8.71 -26.53
CA GLU D 68 -5.76 9.51 -26.44
C GLU D 68 -5.34 10.08 -27.80
N GLN D 69 -5.51 9.32 -28.87
CA GLN D 69 -4.94 9.69 -30.18
C GLN D 69 -5.56 10.96 -30.78
N ILE D 70 -6.77 11.29 -30.35
CA ILE D 70 -7.40 12.53 -30.77
C ILE D 70 -6.54 13.74 -30.38
N LYS D 71 -5.74 13.60 -29.31
CA LYS D 71 -4.89 14.67 -28.82
C LYS D 71 -3.72 14.95 -29.77
N ALA D 72 -3.31 13.94 -30.53
CA ALA D 72 -2.18 14.09 -31.44
C ALA D 72 -2.64 14.58 -32.83
N LYS D 73 -2.09 15.71 -33.26
CA LYS D 73 -2.47 16.35 -34.52
C LYS D 73 -1.91 15.57 -35.72
N THR D 74 -0.60 15.61 -35.90
CA THR D 74 0.07 14.92 -37.01
C THR D 74 0.44 13.50 -36.59
N ASN D 75 0.77 12.65 -37.57
CA ASN D 75 1.18 11.27 -37.29
C ASN D 75 2.55 11.18 -36.65
N ARG D 76 3.43 12.12 -36.96
CA ARG D 76 4.70 12.21 -36.26
C ARG D 76 4.41 12.32 -34.77
N GLU D 77 3.37 13.08 -34.41
CA GLU D 77 3.01 13.29 -33.01
C GLU D 77 2.28 12.10 -32.39
N LYS D 78 1.63 11.26 -33.22
CA LYS D 78 0.92 10.08 -32.71
C LYS D 78 1.92 8.99 -32.32
N PHE D 79 2.91 8.80 -33.18
CA PHE D 79 4.01 7.87 -32.91
C PHE D 79 4.68 8.20 -31.58
N TYR D 80 5.04 9.47 -31.40
CA TYR D 80 5.62 9.98 -30.15
C TYR D 80 4.74 9.64 -28.96
N LEU D 81 3.44 9.93 -29.10
CA LEU D 81 2.50 9.76 -28.01
C LEU D 81 2.22 8.29 -27.71
N TYR D 82 1.96 7.51 -28.76
CA TYR D 82 1.70 6.07 -28.59
C TYR D 82 2.80 5.39 -27.81
N ASN D 83 4.04 5.70 -28.17
CA ASN D 83 5.19 5.17 -27.46
C ASN D 83 5.15 5.56 -25.98
N GLU D 84 4.94 6.84 -25.70
CA GLU D 84 4.92 7.32 -24.32
C GLU D 84 3.82 6.64 -23.48
N LEU D 85 2.65 6.46 -24.08
CA LEU D 85 1.53 5.82 -23.38
C LEU D 85 1.84 4.36 -23.07
N SER D 86 2.77 3.74 -23.80
CA SER D 86 3.21 2.38 -23.46
C SER D 86 4.01 2.33 -22.16
N LEU D 87 4.86 3.32 -21.95
CA LEU D 87 5.62 3.43 -20.71
C LEU D 87 4.73 3.52 -19.47
N THR D 88 3.54 4.12 -19.61
CA THR D 88 2.71 4.44 -18.44
C THR D 88 1.40 3.68 -18.31
N THR D 89 0.94 3.03 -19.37
CA THR D 89 -0.36 2.35 -19.30
C THR D 89 -0.34 1.13 -18.37
N GLU D 90 -1.47 0.87 -17.73
CA GLU D 90 -1.66 -0.31 -16.89
C GLU D 90 -1.88 -1.56 -17.74
N TYR D 91 -2.27 -1.35 -19.00
CA TYR D 91 -2.80 -2.44 -19.83
C TYR D 91 -1.76 -3.05 -20.77
N TYR D 92 -1.76 -4.38 -20.82
CA TYR D 92 -1.04 -5.16 -21.82
C TYR D 92 0.48 -5.20 -21.62
N TYR D 93 1.13 -4.05 -21.63
CA TYR D 93 2.61 -4.00 -21.59
C TYR D 93 3.29 -4.62 -20.33
N PRO D 94 2.62 -4.56 -19.16
CA PRO D 94 3.15 -5.30 -17.99
C PRO D 94 3.11 -6.83 -18.08
N LEU D 95 2.38 -7.39 -19.03
CA LEU D 95 2.25 -8.85 -19.15
C LEU D 95 3.24 -9.48 -20.13
N GLN D 96 4.05 -8.65 -20.77
CA GLN D 96 4.95 -9.14 -21.82
C GLN D 96 5.85 -10.27 -21.34
N ASN D 97 6.19 -10.27 -20.06
CA ASN D 97 6.96 -11.38 -19.53
C ASN D 97 6.17 -12.67 -19.69
N ALA D 98 4.96 -12.69 -19.15
CA ALA D 98 4.12 -13.88 -19.22
C ALA D 98 3.70 -14.24 -20.66
N ILE D 99 3.63 -13.25 -21.55
CA ILE D 99 3.11 -13.48 -22.89
C ILE D 99 4.06 -14.32 -23.76
N ILE D 100 5.35 -14.02 -23.74
CA ILE D 100 6.30 -14.83 -24.53
C ILE D 100 6.49 -16.20 -23.92
N GLU D 101 6.61 -16.25 -22.60
CA GLU D 101 6.65 -17.53 -21.91
C GLU D 101 5.48 -18.39 -22.39
N PHE D 102 4.30 -17.79 -22.44
CA PHE D 102 3.09 -18.48 -22.89
C PHE D 102 3.15 -18.85 -24.37
N TYR D 103 3.70 -17.96 -25.18
CA TYR D 103 3.74 -18.18 -26.62
C TYR D 103 4.77 -19.23 -27.00
N THR D 104 5.98 -19.10 -26.46
CA THR D 104 7.06 -20.02 -26.79
C THR D 104 6.78 -21.43 -26.27
N GLU D 105 5.92 -21.52 -25.26
CA GLU D 105 5.54 -22.80 -24.70
C GLU D 105 4.34 -23.42 -25.40
N TYR D 106 3.52 -22.61 -26.08
CA TYR D 106 2.35 -23.11 -26.79
C TYR D 106 2.31 -22.61 -28.24
N TYR D 107 3.06 -23.26 -29.12
CA TYR D 107 3.00 -22.94 -30.54
C TYR D 107 3.50 -24.10 -31.39
N THR D 109 0.65 -26.39 -31.16
CA THR D 109 -0.74 -26.03 -30.88
C THR D 109 -1.21 -24.96 -31.86
N ASN D 110 -2.39 -25.19 -32.45
CA ASN D 110 -2.96 -24.30 -33.46
C ASN D 110 -4.11 -23.44 -32.93
N SER D 111 -4.90 -23.98 -32.01
CA SER D 111 -6.00 -23.25 -31.36
C SER D 111 -5.46 -22.06 -30.56
N ILE D 112 -4.35 -22.28 -29.85
CA ILE D 112 -3.63 -21.21 -29.16
C ILE D 112 -3.04 -20.26 -30.20
N ASN D 113 -2.16 -20.80 -31.04
CA ASN D 113 -1.41 -20.00 -32.00
C ASN D 113 -2.32 -19.16 -32.91
N GLU D 114 -3.47 -19.69 -33.29
CA GLU D 114 -4.43 -18.95 -34.10
C GLU D 114 -4.90 -17.71 -33.34
N LYS D 115 -5.50 -17.94 -32.18
CA LYS D 115 -6.00 -16.85 -31.33
C LYS D 115 -4.87 -15.93 -30.89
N MET D 116 -3.70 -16.50 -30.66
CA MET D 116 -2.53 -15.75 -30.21
C MET D 116 -1.99 -14.85 -31.33
N ASN D 117 -1.99 -15.36 -32.56
CA ASN D 117 -1.57 -14.55 -33.71
C ASN D 117 -2.56 -13.41 -33.94
N LYS D 118 -3.85 -13.74 -33.97
CA LYS D 118 -4.91 -12.73 -34.09
C LYS D 118 -4.72 -11.56 -33.11
N LEU D 119 -4.24 -11.86 -31.90
CA LEU D 119 -3.91 -10.82 -30.91
C LEU D 119 -2.72 -9.96 -31.34
N GLN D 120 -1.53 -10.57 -31.41
CA GLN D 120 -0.30 -9.85 -31.75
C GLN D 120 -0.49 -8.96 -32.98
N ASN D 121 -1.30 -9.42 -33.93
CA ASN D 121 -1.65 -8.64 -35.12
C ASN D 121 -2.35 -7.34 -34.74
N LYS D 122 -3.39 -7.43 -33.91
CA LYS D 122 -4.13 -6.25 -33.43
C LYS D 122 -3.18 -5.29 -32.70
N TYR D 123 -2.36 -5.86 -31.84
CA TYR D 123 -1.35 -5.12 -31.08
C TYR D 123 -0.48 -4.25 -32.01
N ILE D 124 -0.22 -4.74 -33.22
CA ILE D 124 0.63 -4.04 -34.21
C ILE D 124 -0.12 -3.01 -35.05
N ASP D 125 -1.33 -3.37 -35.52
CA ASP D 125 -2.14 -2.52 -36.40
C ASP D 125 -2.00 -1.03 -36.03
N ALA D 126 -1.95 -0.76 -34.73
CA ALA D 126 -1.67 0.59 -34.21
C ALA D 126 -0.62 1.30 -35.05
N TYR D 127 0.58 0.72 -35.14
CA TYR D 127 1.65 1.30 -35.93
C TYR D 127 1.35 1.25 -37.44
N HIS D 128 0.73 0.17 -37.91
CA HIS D 128 0.39 0.03 -39.33
C HIS D 128 -0.51 1.16 -39.82
N VAL D 129 -1.44 1.58 -38.97
CA VAL D 129 -2.29 2.73 -39.26
C VAL D 129 -1.47 4.01 -39.22
N ILE D 130 -0.71 4.21 -38.15
CA ILE D 130 0.11 5.41 -37.97
C ILE D 130 0.97 5.69 -39.19
N PHE D 131 1.70 4.67 -39.65
CA PHE D 131 2.57 4.82 -40.82
C PHE D 131 1.76 5.03 -42.11
N LYS D 132 0.94 4.06 -42.48
CA LYS D 132 0.10 4.17 -43.68
C LYS D 132 -0.63 5.52 -43.76
N GLU D 133 -1.27 5.91 -42.66
CA GLU D 133 -2.04 7.16 -42.63
C GLU D 133 -1.15 8.38 -42.76
N GLY D 134 0.07 8.28 -42.24
CA GLY D 134 1.08 9.32 -42.40
C GLY D 134 1.76 9.26 -43.76
N ASN D 135 1.93 8.05 -44.26
CA ASN D 135 2.62 7.82 -45.53
C ASN D 135 1.92 8.60 -46.63
N LEU D 136 0.59 8.51 -46.66
CA LEU D 136 -0.24 9.25 -47.63
C LEU D 136 -0.58 10.67 -47.14
N ASN D 137 -0.07 11.04 -45.97
CA ASN D 137 -0.12 12.41 -45.48
C ASN D 137 1.15 13.20 -45.83
N GLY D 138 2.10 12.52 -46.49
CA GLY D 138 3.34 13.16 -46.93
C GLY D 138 4.41 13.35 -45.85
N GLU D 139 4.17 12.78 -44.66
CA GLU D 139 5.10 12.94 -43.54
C GLU D 139 6.36 12.08 -43.67
N TRP D 140 6.29 11.05 -44.52
CA TRP D 140 7.43 10.16 -44.75
C TRP D 140 7.15 9.24 -45.93
N SER D 141 8.09 8.35 -46.25
CA SER D 141 7.92 7.37 -47.33
C SER D 141 8.43 5.98 -46.90
N ILE D 142 7.65 5.29 -46.08
CA ILE D 142 7.93 3.90 -45.71
C ILE D 142 7.40 2.99 -46.82
N ASN D 143 8.30 2.24 -47.46
CA ASN D 143 7.91 1.33 -48.55
C ASN D 143 7.42 -0.03 -48.06
N ASP D 144 7.87 -0.45 -46.87
CA ASP D 144 7.27 -1.58 -46.18
C ASP D 144 6.71 -1.11 -44.84
N VAL D 145 5.40 -0.95 -44.77
CA VAL D 145 4.74 -0.54 -43.54
C VAL D 145 4.81 -1.67 -42.52
N ASN D 146 4.53 -2.90 -42.97
CA ASN D 146 4.41 -4.02 -42.04
C ASN D 146 5.72 -4.34 -41.33
N ALA D 147 6.85 -4.20 -42.04
CA ALA D 147 8.17 -4.46 -41.47
C ALA D 147 8.46 -3.50 -40.33
N VAL D 148 8.48 -2.21 -40.65
CA VAL D 148 8.79 -1.16 -39.68
C VAL D 148 7.79 -1.17 -38.53
N SER D 149 6.57 -1.63 -38.79
CA SER D 149 5.56 -1.77 -37.76
C SER D 149 5.96 -2.80 -36.70
N LYS D 150 6.47 -3.95 -37.15
CA LYS D 150 7.00 -4.97 -36.25
C LYS D 150 8.22 -4.44 -35.52
N ILE D 151 9.13 -3.82 -36.28
CA ILE D 151 10.34 -3.22 -35.72
C ILE D 151 9.97 -2.22 -34.63
N ALA D 152 9.07 -1.31 -34.97
CA ALA D 152 8.71 -0.24 -34.07
C ALA D 152 8.19 -0.85 -32.78
N ALA D 153 7.22 -1.74 -32.89
CA ALA D 153 6.56 -2.34 -31.72
C ALA D 153 7.58 -2.99 -30.80
N ASN D 154 8.41 -3.87 -31.35
CA ASN D 154 9.34 -4.63 -30.53
C ASN D 154 10.48 -3.80 -29.95
N ALA D 155 10.88 -2.74 -30.65
CA ALA D 155 11.85 -1.81 -30.09
C ALA D 155 11.22 -1.09 -28.89
N VAL D 156 10.02 -0.56 -29.12
CA VAL D 156 9.28 0.18 -28.09
C VAL D 156 8.96 -0.70 -26.90
N ASN D 157 8.58 -1.94 -27.17
CA ASN D 157 8.33 -2.91 -26.10
C ASN D 157 9.59 -3.14 -25.26
N GLY D 158 10.74 -3.22 -25.93
CA GLY D 158 12.02 -3.44 -25.27
C GLY D 158 12.46 -2.33 -24.34
N ILE D 159 12.15 -1.07 -24.70
CA ILE D 159 12.46 0.07 -23.83
C ILE D 159 11.54 0.02 -22.62
N VAL D 160 10.29 -0.38 -22.82
CA VAL D 160 9.33 -0.46 -21.72
C VAL D 160 9.71 -1.54 -20.69
N THR D 161 10.08 -2.72 -21.15
CA THR D 161 10.23 -3.88 -20.26
C THR D 161 11.64 -4.07 -19.73
N PHE D 162 12.62 -3.33 -20.26
CA PHE D 162 13.99 -3.39 -19.76
C PHE D 162 14.47 -2.06 -19.15
N THR D 163 13.54 -1.26 -18.68
CA THR D 163 13.86 0.01 -18.02
C THR D 163 13.02 0.25 -16.74
N HIS D 164 12.28 -0.76 -16.27
CA HIS D 164 11.34 -0.61 -15.12
C HIS D 164 12.10 -0.37 -13.80
N GLU D 165 12.62 0.84 -13.64
CA GLU D 165 13.51 1.16 -12.53
C GLU D 165 13.74 2.67 -12.36
N GLN D 166 14.07 3.36 -13.46
CA GLN D 166 14.24 4.82 -13.43
C GLN D 166 12.90 5.50 -13.17
N ASN D 167 12.95 6.72 -12.66
CA ASN D 167 11.74 7.49 -12.42
C ASN D 167 11.00 7.74 -13.73
N ILE D 168 9.68 7.78 -13.66
CA ILE D 168 8.85 7.81 -14.84
C ILE D 168 9.27 8.90 -15.84
N ASN D 169 9.59 10.09 -15.36
CA ASN D 169 9.99 11.19 -16.25
C ASN D 169 11.31 10.93 -16.99
N GLU D 170 12.20 10.20 -16.35
CA GLU D 170 13.48 9.83 -16.95
C GLU D 170 13.26 8.81 -18.07
N ARG D 171 12.29 7.92 -17.89
CA ARG D 171 11.93 6.95 -18.93
C ARG D 171 11.26 7.64 -20.12
N ILE D 172 10.41 8.63 -19.85
CA ILE D 172 9.77 9.39 -20.92
C ILE D 172 10.81 10.05 -21.81
N LYS D 173 11.88 10.54 -21.20
CA LYS D 173 12.95 11.21 -21.93
C LYS D 173 13.65 10.26 -22.90
N LEU D 174 13.96 9.05 -22.43
CA LEU D 174 14.59 8.01 -23.28
C LEU D 174 13.71 7.66 -24.47
N MET D 175 12.44 7.38 -24.19
CA MET D 175 11.47 7.02 -25.23
C MET D 175 11.33 8.12 -26.29
N ASN D 176 11.19 9.38 -25.85
CA ASN D 176 11.06 10.51 -26.78
C ASN D 176 12.29 10.67 -27.68
N LYS D 177 13.47 10.45 -27.12
CA LYS D 177 14.72 10.49 -27.90
C LYS D 177 14.75 9.35 -28.91
N PHE D 178 14.21 8.18 -28.54
CA PHE D 178 14.11 7.07 -29.48
C PHE D 178 13.17 7.43 -30.62
N SER D 179 11.94 7.76 -30.27
CA SER D 179 10.94 8.16 -31.27
C SER D 179 11.53 9.10 -32.32
N GLN D 180 12.26 10.10 -31.84
CA GLN D 180 12.92 11.09 -32.69
C GLN D 180 13.95 10.44 -33.62
N ILE D 181 14.77 9.55 -33.07
CA ILE D 181 15.77 8.83 -33.87
C ILE D 181 15.06 7.98 -34.92
N PHE D 182 14.13 7.13 -34.46
CA PHE D 182 13.46 6.20 -35.35
C PHE D 182 12.77 6.93 -36.49
N LEU D 183 12.04 7.99 -36.18
CA LEU D 183 11.39 8.81 -37.20
C LEU D 183 12.40 9.37 -38.17
N ASN D 184 13.52 9.86 -37.66
CA ASN D 184 14.53 10.52 -38.50
C ASN D 184 15.39 9.59 -39.36
N GLY D 185 15.20 8.27 -39.22
CA GLY D 185 15.76 7.32 -40.16
C GLY D 185 14.69 6.82 -41.10
N LEU D 186 13.86 7.74 -41.57
CA LEU D 186 12.81 7.43 -42.56
C LEU D 186 12.78 8.59 -43.56
N SER D 187 12.24 8.35 -44.75
CA SER D 187 12.33 9.36 -45.82
C SER D 187 11.21 9.21 -46.86
S SO4 E . 14.23 -22.91 -4.06
O1 SO4 E . 13.23 -23.82 -3.49
O2 SO4 E . 15.47 -23.03 -3.31
O3 SO4 E . 13.74 -21.55 -4.00
O4 SO4 E . 14.45 -23.28 -5.45
S SO4 F . 13.69 -17.47 -5.11
O1 SO4 F . 12.72 -16.86 -4.21
O2 SO4 F . 14.79 -16.52 -5.32
O3 SO4 F . 13.03 -17.75 -6.39
O4 SO4 F . 14.22 -18.69 -4.55
S SO4 G . 20.47 -5.15 1.48
O1 SO4 G . 19.35 -4.94 2.41
O2 SO4 G . 21.34 -3.97 1.51
O3 SO4 G . 19.96 -5.35 0.13
O4 SO4 G . 21.23 -6.32 1.89
S SO4 H . 31.94 -19.42 -28.65
O1 SO4 H . 32.39 -19.35 -27.26
O2 SO4 H . 32.71 -18.48 -29.46
O3 SO4 H . 30.52 -19.08 -28.74
O4 SO4 H . 32.13 -20.77 -29.15
S SO4 I . 32.40 8.64 -22.16
O1 SO4 I . 32.88 9.40 -21.00
O2 SO4 I . 32.94 9.23 -23.37
O3 SO4 I . 30.93 8.70 -22.19
O4 SO4 I . 32.85 7.25 -22.03
S SO4 J . 17.63 -32.08 0.88
O1 SO4 J . 18.22 -32.49 -0.39
O2 SO4 J . 18.70 -31.83 1.85
O3 SO4 J . 16.85 -30.86 0.69
O4 SO4 J . 16.76 -33.13 1.38
S SO4 K . 6.97 -13.56 -32.26
O1 SO4 K . 7.24 -12.28 -32.93
O2 SO4 K . 5.57 -13.60 -31.84
O3 SO4 K . 7.25 -14.66 -33.17
O4 SO4 K . 7.81 -13.69 -31.07
S SO4 L . 2.86 -3.23 -7.10
O1 SO4 L . 2.94 -3.42 -5.66
O2 SO4 L . 2.71 -1.80 -7.41
O3 SO4 L . 1.71 -3.95 -7.64
O4 SO4 L . 4.10 -3.72 -7.70
S SO4 M . -17.20 1.27 -2.18
O1 SO4 M . -18.13 0.21 -1.80
O2 SO4 M . -17.43 2.45 -1.35
O3 SO4 M . -17.38 1.60 -3.59
O4 SO4 M . -15.83 0.82 -1.97
S SO4 N . -17.48 5.46 -8.32
O1 SO4 N . -17.72 4.41 -7.34
O2 SO4 N . -16.32 6.24 -7.93
O3 SO4 N . -18.64 6.34 -8.40
O4 SO4 N . -17.25 4.86 -9.63
S SO4 O . -11.66 -2.05 -13.83
O1 SO4 O . -11.92 -0.79 -13.15
O2 SO4 O . -10.74 -1.84 -14.93
O3 SO4 O . -12.93 -2.58 -14.33
O4 SO4 O . -11.08 -3.01 -12.89
S SO4 P . 10.41 -7.01 29.16
O1 SO4 P . 9.23 -6.50 29.87
O2 SO4 P . 11.58 -6.87 30.03
O3 SO4 P . 10.63 -6.24 27.94
O4 SO4 P . 10.22 -8.41 28.82
S SO4 Q . 2.35 -6.82 33.86
O1 SO4 Q . 1.57 -5.60 33.93
O2 SO4 Q . 2.43 -7.40 35.20
O3 SO4 Q . 1.70 -7.79 32.98
O4 SO4 Q . 3.69 -6.53 33.37
C1 RHQ R . -2.12 10.77 15.03
C2 RHQ R . -1.94 9.47 14.57
C3 RHQ R . -0.84 9.17 13.74
C4 RHQ R . 0.08 10.18 13.38
C5 RHQ R . -0.12 11.48 13.85
C6 RHQ R . -1.21 11.76 14.66
O1 RHQ R . -3.07 11.10 15.77
C7 RHQ R . -3.97 10.31 16.17
C8 RHQ R . -3.94 8.96 15.80
C9 RHQ R . -2.89 8.52 14.97
C10 RHQ R . -4.98 10.80 16.99
C11 RHQ R . -6.00 9.97 17.46
C12 RHQ R . -5.97 8.61 17.10
C13 RHQ R . -4.96 8.12 16.27
N1 RHQ R . -6.95 10.57 18.26
C14 RHQ R . -2.77 7.09 14.54
C15 RHQ R . -3.30 6.73 13.30
C16 RHQ R . -3.21 5.41 12.87
C17 RHQ R . -2.61 4.45 13.67
C18 RHQ R . -2.09 4.81 14.90
C19 RHQ R . -2.17 6.14 15.35
C20 RHQ R . -7.02 7.63 17.56
C21 RHQ R . 1.24 9.80 12.50
C22 RHQ R . -8.11 9.98 18.91
C23 RHQ R . -9.24 9.68 17.92
N2 RHQ R . 0.67 12.56 13.60
C24 RHQ R . 1.87 12.64 12.79
C25 RHQ R . 2.48 14.01 12.96
C26 RHQ R . -1.58 6.44 16.70
O27 RHQ R . -1.68 7.52 17.29
O2 RHQ R . -0.81 5.41 17.36
C28 RHQ R . 0.52 5.26 16.88
C29 RHQ R . 1.35 4.40 17.81
S SO4 S . 2.49 -7.40 -2.54
O1 SO4 S . 1.22 -7.08 -1.91
O2 SO4 S . 2.53 -6.80 -3.88
O3 SO4 S . 2.63 -8.84 -2.69
O4 SO4 S . 3.59 -6.89 -1.74
S SO4 T . -5.33 -27.06 -32.04
O1 SO4 T . -4.74 -26.39 -30.90
O2 SO4 T . -4.27 -27.54 -32.93
O3 SO4 T . -6.20 -26.14 -32.78
O4 SO4 T . -6.12 -28.19 -31.57
S SO4 U . -1.61 -25.69 -7.13
O1 SO4 U . -2.49 -26.02 -6.01
O2 SO4 U . -0.59 -24.74 -6.67
O3 SO4 U . -2.40 -25.08 -8.20
O4 SO4 U . -0.97 -26.89 -7.65
S SO4 V . -8.59 -6.51 -16.02
O1 SO4 V . -7.54 -5.67 -15.44
O2 SO4 V . -7.99 -7.51 -16.91
O3 SO4 V . -9.49 -5.66 -16.80
O4 SO4 V . -9.32 -7.18 -14.96
S SO4 W . -19.76 -17.37 -9.46
O1 SO4 W . -19.82 -15.94 -9.75
O2 SO4 W . -18.56 -17.92 -10.10
O3 SO4 W . -20.94 -18.02 -9.99
O4 SO4 W . -19.66 -17.57 -8.01
S SO4 X . -3.30 -31.58 -8.71
O1 SO4 X . -3.24 -30.13 -8.63
O2 SO4 X . -4.57 -32.05 -8.17
O3 SO4 X . -3.17 -31.98 -10.11
O4 SO4 X . -2.21 -32.16 -7.92
#